data_6M1X
#
_entry.id   6M1X
#
_cell.length_a   96.976
_cell.length_b   112.388
_cell.length_c   177.428
_cell.angle_alpha   90.000
_cell.angle_beta   90.000
_cell.angle_gamma   90.000
#
_symmetry.space_group_name_H-M   'C 2 2 21'
#
loop_
_entity.id
_entity.type
_entity.pdbx_description
1 polymer 'Phosphoglycerate mutase family protein'
2 non-polymer 'PHOSPHATE ION'
3 non-polymer '3-PHOSPHOGLYCERIC ACID'
4 water water
#
_entity_poly.entity_id   1
_entity_poly.type   'polypeptide(L)'
_entity_poly.pdbx_seq_one_letter_code
;MTKLILIRHGETEWNLLGKIQGCTDIELTPNGIQQANEVAQQIKGNFDIIYSSPLHRALITAQKIAGDKEVHLIEGMKEI
PFGTWEGHTFEELNGDINYKKFLSGEDGCPFDSTGMSIASWSKKNAQLLLDLCKQNENKTIVCVSHGAWIKTSILGLLEM
EPTMYHKFQLGNTGITTFIFRHGHPVLTSFNSTQHLLTENKSKTGHHHHHH
;
_entity_poly.pdbx_strand_id   A,B,C,D
#
# COMPACT_ATOMS: atom_id res chain seq x y z
N MET A 1 27.24 -0.08 3.58
CA MET A 1 26.98 0.31 5.01
C MET A 1 26.57 1.79 5.13
N THR A 2 25.70 2.14 4.21
CA THR A 2 24.99 3.37 4.27
C THR A 2 23.98 3.31 5.40
N LYS A 3 24.02 4.31 6.29
CA LYS A 3 23.08 4.42 7.41
C LYS A 3 22.37 5.77 7.41
N LEU A 4 21.05 5.75 7.30
CA LEU A 4 20.27 6.99 7.35
C LEU A 4 19.65 7.24 8.73
N ILE A 5 19.98 8.39 9.29
CA ILE A 5 19.46 8.80 10.61
C ILE A 5 18.59 10.06 10.54
N LEU A 6 17.30 9.94 10.78
CA LEU A 6 16.35 11.05 10.72
C LEU A 6 16.00 11.40 12.10
N ILE A 7 16.00 12.68 12.39
CA ILE A 7 15.86 13.15 13.78
C ILE A 7 14.91 14.30 13.84
N ARG A 8 13.83 14.11 14.53
CA ARG A 8 12.93 15.20 14.72
C ARG A 8 13.54 16.22 15.71
N HIS A 9 13.33 17.49 15.39
CA HIS A 9 13.84 18.57 16.20
C HIS A 9 13.32 18.58 17.62
N GLY A 10 13.98 19.38 18.44
CA GLY A 10 13.52 19.64 19.81
C GLY A 10 12.19 20.37 19.96
N GLU A 11 11.72 20.46 21.19
CA GLU A 11 10.36 20.92 21.54
C GLU A 11 10.21 22.36 21.30
N THR A 12 9.09 22.78 20.71
CA THR A 12 8.72 24.23 20.65
C THR A 12 7.45 24.45 21.43
N GLU A 13 7.16 25.72 21.65
CA GLU A 13 5.98 26.10 22.34
C GLU A 13 4.72 25.57 21.64
N TRP A 14 4.70 25.71 20.31
CA TRP A 14 3.54 25.26 19.52
C TRP A 14 3.38 23.75 19.66
N ASN A 15 4.47 23.01 19.61
CA ASN A 15 4.40 21.57 19.92
C ASN A 15 3.66 21.30 21.24
N LEU A 16 3.96 22.07 22.30
CA LEU A 16 3.32 21.88 23.63
C LEU A 16 1.82 22.18 23.61
N LEU A 17 1.43 23.22 22.90
CA LEU A 17 0.02 23.55 22.74
C LEU A 17 -0.76 22.60 21.80
N GLY A 18 -0.09 21.78 21.00
CA GLY A 18 -0.76 21.05 19.93
C GLY A 18 -1.07 21.84 18.67
N LYS A 19 -0.55 23.05 18.50
CA LYS A 19 -0.76 23.83 17.28
C LYS A 19 0.07 23.33 16.10
N ILE A 20 -0.63 23.05 15.00
CA ILE A 20 0.04 22.64 13.78
C ILE A 20 1.04 23.75 13.40
N GLN A 21 2.30 23.38 13.39
CA GLN A 21 3.40 24.26 13.21
C GLN A 21 4.01 23.82 11.95
N GLY A 22 3.77 24.55 10.88
CA GLY A 22 4.38 24.14 9.60
C GLY A 22 5.56 25.04 9.29
N CYS A 23 5.25 26.08 8.50
CA CYS A 23 6.18 27.06 7.95
C CYS A 23 6.49 28.22 8.87
N THR A 24 5.78 28.28 9.98
CA THR A 24 6.02 29.28 11.00
C THR A 24 7.36 28.93 11.70
N ASP A 25 8.25 29.91 11.83
CA ASP A 25 9.58 29.66 12.32
C ASP A 25 9.69 29.78 13.80
N ILE A 26 8.96 28.89 14.51
CA ILE A 26 8.97 28.91 15.99
C ILE A 26 10.30 28.43 16.50
N GLU A 27 10.75 29.03 17.61
CA GLU A 27 12.01 28.65 18.26
C GLU A 27 11.81 27.59 19.30
N LEU A 28 12.91 26.95 19.66
CA LEU A 28 12.90 25.96 20.69
C LEU A 28 12.54 26.61 22.02
N THR A 29 11.91 25.81 22.88
CA THR A 29 11.66 26.22 24.22
C THR A 29 12.94 25.87 24.94
N PRO A 30 13.01 26.17 26.28
CA PRO A 30 14.28 25.80 26.93
C PRO A 30 14.47 24.32 27.13
N ASN A 31 13.39 23.58 27.18
CA ASN A 31 13.44 22.16 27.33
C ASN A 31 13.89 21.61 26.02
N GLY A 32 13.40 22.18 24.93
CA GLY A 32 13.78 21.74 23.61
C GLY A 32 15.26 21.89 23.33
N ILE A 33 15.86 22.89 23.89
CA ILE A 33 17.30 23.08 23.79
C ILE A 33 18.04 21.97 24.51
N GLN A 34 17.43 21.47 25.55
CA GLN A 34 18.04 20.47 26.37
C GLN A 34 17.92 19.14 25.68
N GLN A 35 16.77 18.91 25.06
CA GLN A 35 16.55 17.70 24.24
C GLN A 35 17.58 17.59 23.12
N ALA A 36 17.86 18.71 22.50
CA ALA A 36 18.87 18.74 21.50
C ALA A 36 20.21 18.32 22.10
N ASN A 37 20.58 18.86 23.26
CA ASN A 37 21.89 18.49 23.88
C ASN A 37 21.98 17.01 24.20
N GLU A 38 20.97 16.50 24.90
CA GLU A 38 20.89 15.08 25.24
C GLU A 38 21.01 14.21 23.98
N VAL A 39 20.37 14.60 22.88
CA VAL A 39 20.44 13.76 21.70
C VAL A 39 21.78 13.95 21.04
N ALA A 40 22.38 15.11 21.21
CA ALA A 40 23.72 15.28 20.65
C ALA A 40 24.69 14.32 21.32
N GLN A 41 24.51 14.14 22.63
CA GLN A 41 25.38 13.29 23.44
C GLN A 41 25.29 11.84 23.03
N GLN A 42 24.08 11.32 22.99
CA GLN A 42 23.82 9.98 22.49
C GLN A 42 24.59 9.75 21.17
N ILE A 43 24.48 10.68 20.22
CA ILE A 43 25.17 10.53 18.93
C ILE A 43 26.68 10.53 19.15
N LYS A 44 27.18 11.47 19.96
CA LYS A 44 28.63 11.54 20.23
C LYS A 44 29.40 11.58 18.91
N GLY A 45 28.88 12.28 17.93
CA GLY A 45 29.58 12.48 16.67
C GLY A 45 29.66 11.30 15.73
N ASN A 46 28.94 10.21 16.03
CA ASN A 46 28.97 8.98 15.19
C ASN A 46 28.28 9.13 13.83
N PHE A 47 28.79 10.00 12.97
CA PHE A 47 28.20 10.20 11.66
C PHE A 47 29.24 10.90 10.81
N ASP A 48 29.06 10.82 9.49
CA ASP A 48 30.01 11.40 8.53
C ASP A 48 29.53 12.76 8.08
N ILE A 49 28.26 12.86 7.68
CA ILE A 49 27.69 14.15 7.25
C ILE A 49 26.36 14.41 7.96
N ILE A 50 26.00 15.68 8.12
CA ILE A 50 24.76 16.08 8.76
C ILE A 50 24.08 17.18 8.02
N TYR A 51 22.82 16.94 7.65
CA TYR A 51 21.90 17.83 6.95
C TYR A 51 20.81 18.33 7.87
N SER A 52 20.09 19.37 7.51
CA SER A 52 19.10 19.98 8.38
C SER A 52 18.09 20.82 7.62
N SER A 53 16.94 20.97 8.23
CA SER A 53 15.94 21.90 7.74
C SER A 53 16.41 23.34 8.04
N PRO A 54 16.01 24.26 7.23
CA PRO A 54 16.37 25.67 7.50
C PRO A 54 15.63 26.32 8.67
N LEU A 55 14.49 25.80 9.05
CA LEU A 55 13.75 26.35 10.20
C LEU A 55 14.61 26.28 11.52
N HIS A 56 14.63 27.36 12.28
CA HIS A 56 15.48 27.38 13.46
C HIS A 56 15.29 26.19 14.41
N ARG A 57 14.07 25.73 14.63
CA ARG A 57 13.87 24.62 15.58
C ARG A 57 14.67 23.43 15.12
N ALA A 58 14.72 23.17 13.83
CA ALA A 58 15.62 22.11 13.32
C ALA A 58 17.05 22.53 13.34
N LEU A 59 17.34 23.66 12.72
CA LEU A 59 18.73 24.02 12.51
C LEU A 59 19.51 24.02 13.81
N ILE A 60 18.93 24.63 14.85
CA ILE A 60 19.59 24.71 16.17
C ILE A 60 19.81 23.29 16.72
N THR A 61 18.89 22.38 16.43
CA THR A 61 19.01 21.03 16.95
C THR A 61 20.21 20.42 16.25
N ALA A 62 20.18 20.46 14.91
CA ALA A 62 21.30 19.97 14.07
C ALA A 62 22.68 20.48 14.53
N GLN A 63 22.77 21.76 14.87
CA GLN A 63 24.08 22.39 15.19
C GLN A 63 24.68 21.80 16.49
N LYS A 64 23.83 21.48 17.44
CA LYS A 64 24.28 20.84 18.68
C LYS A 64 24.76 19.45 18.44
N ILE A 65 24.13 18.78 17.49
CA ILE A 65 24.48 17.43 17.15
C ILE A 65 25.78 17.40 16.39
N ALA A 66 26.00 18.43 15.58
CA ALA A 66 27.14 18.49 14.69
C ALA A 66 28.45 18.76 15.45
N GLY A 67 28.35 19.51 16.55
CA GLY A 67 29.53 19.96 17.24
C GLY A 67 30.35 20.79 16.27
N ASP A 68 31.39 20.16 15.69
CA ASP A 68 32.32 20.84 14.77
C ASP A 68 32.18 20.50 13.28
N LYS A 69 31.15 19.77 12.88
CA LYS A 69 30.89 19.57 11.46
C LYS A 69 30.02 20.67 10.90
N GLU A 70 30.13 20.90 9.61
CA GLU A 70 29.23 21.82 8.97
C GLU A 70 27.85 21.15 8.90
N VAL A 71 26.80 21.97 9.12
CA VAL A 71 25.41 21.55 8.97
C VAL A 71 24.85 22.00 7.63
N HIS A 72 24.59 21.07 6.73
CA HIS A 72 24.10 21.41 5.42
C HIS A 72 22.63 21.62 5.33
N LEU A 73 22.25 22.77 4.86
CA LEU A 73 20.86 23.07 4.73
C LEU A 73 20.30 22.53 3.47
N ILE A 74 19.11 21.95 3.54
CA ILE A 74 18.42 21.45 2.38
C ILE A 74 17.03 22.02 2.50
N GLU A 75 16.61 22.78 1.50
CA GLU A 75 15.32 23.47 1.51
C GLU A 75 14.14 22.51 1.41
N GLY A 76 14.40 21.39 0.76
CA GLY A 76 13.43 20.32 0.65
C GLY A 76 13.14 19.57 1.93
N MET A 77 13.93 19.86 2.99
CA MET A 77 13.78 19.24 4.30
C MET A 77 13.01 20.11 5.25
N LYS A 78 12.53 21.26 4.78
CA LYS A 78 11.64 22.09 5.54
C LYS A 78 10.38 21.29 5.80
N GLU A 79 9.61 21.71 6.77
CA GLU A 79 8.44 20.96 7.13
C GLU A 79 7.41 21.12 6.03
N ILE A 80 6.58 20.11 5.94
CA ILE A 80 5.44 20.12 5.06
C ILE A 80 4.51 21.29 5.38
N PRO A 81 4.01 22.02 4.35
CA PRO A 81 3.09 23.13 4.61
C PRO A 81 1.73 22.62 4.88
N PHE A 82 1.03 23.30 5.78
CA PHE A 82 -0.31 22.88 6.21
C PHE A 82 -1.39 23.91 5.93
N GLY A 83 -1.03 25.00 5.25
CA GLY A 83 -2.00 25.93 4.77
C GLY A 83 -2.85 26.50 5.86
N THR A 84 -4.17 26.42 5.65
CA THR A 84 -5.15 27.01 6.60
C THR A 84 -5.19 26.29 7.94
N TRP A 85 -4.57 25.09 8.02
CA TRP A 85 -4.43 24.41 9.29
C TRP A 85 -3.40 25.04 10.22
N GLU A 86 -2.43 25.77 9.70
CA GLU A 86 -1.36 26.31 10.52
C GLU A 86 -1.92 27.07 11.67
N GLY A 87 -1.40 26.81 12.86
CA GLY A 87 -1.89 27.49 14.04
C GLY A 87 -3.02 26.78 14.74
N HIS A 88 -3.72 25.92 14.03
CA HIS A 88 -4.81 25.19 14.59
C HIS A 88 -4.32 23.94 15.30
N THR A 89 -5.11 23.54 16.30
CA THR A 89 -5.09 22.24 16.90
C THR A 89 -6.00 21.31 16.08
N PHE A 90 -5.70 20.01 16.09
CA PHE A 90 -6.53 19.01 15.45
C PHE A 90 -7.98 19.02 15.97
N GLU A 91 -8.20 19.33 17.25
CA GLU A 91 -9.58 19.52 17.75
C GLU A 91 -10.32 20.64 16.98
N GLU A 92 -9.62 21.73 16.68
CA GLU A 92 -10.22 22.82 15.91
C GLU A 92 -10.53 22.47 14.44
N LEU A 93 -10.08 21.30 13.97
CA LEU A 93 -10.28 20.89 12.57
C LEU A 93 -11.45 19.96 12.35
N ASN A 94 -12.13 19.53 13.43
CA ASN A 94 -13.29 18.66 13.31
C ASN A 94 -14.30 19.28 12.36
N GLY A 95 -14.84 18.49 11.46
CA GLY A 95 -15.73 19.04 10.43
C GLY A 95 -15.02 20.06 9.55
N ASP A 96 -13.87 19.65 9.05
CA ASP A 96 -13.30 20.24 7.86
C ASP A 96 -13.27 19.07 6.91
N ILE A 97 -13.91 19.23 5.76
CA ILE A 97 -13.98 18.16 4.76
C ILE A 97 -12.59 17.60 4.46
N ASN A 98 -11.61 18.50 4.33
CA ASN A 98 -10.25 18.04 4.05
C ASN A 98 -9.63 17.22 5.19
N TYR A 99 -9.94 17.54 6.43
CA TYR A 99 -9.41 16.79 7.57
C TYR A 99 -10.02 15.40 7.70
N LYS A 100 -11.33 15.25 7.45
CA LYS A 100 -11.97 13.89 7.34
C LYS A 100 -11.30 13.05 6.23
N LYS A 101 -10.87 13.70 5.15
CA LYS A 101 -10.12 12.98 4.14
C LYS A 101 -8.69 12.71 4.56
N PHE A 102 -8.23 13.41 5.58
CA PHE A 102 -6.89 13.21 6.07
C PHE A 102 -6.84 11.94 6.92
N LEU A 103 -7.79 11.86 7.83
CA LEU A 103 -7.96 10.70 8.65
C LEU A 103 -8.35 9.49 7.83
N SER A 104 -9.16 9.69 6.80
CA SER A 104 -9.66 8.59 6.01
C SER A 104 -8.91 8.03 4.80
N GLY A 105 -7.84 8.65 4.38
CA GLY A 105 -7.12 8.13 3.25
C GLY A 105 -7.74 8.43 1.92
N GLU A 106 -8.81 9.20 1.93
CA GLU A 106 -9.47 9.56 0.71
C GLU A 106 -8.66 10.63 0.07
N ASP A 107 -8.35 10.49 -1.20
CA ASP A 107 -7.61 11.50 -1.91
C ASP A 107 -6.18 11.57 -1.55
N GLY A 108 -5.68 10.51 -0.95
CA GLY A 108 -4.32 10.45 -0.51
C GLY A 108 -4.08 11.14 0.80
N CYS A 109 -5.11 11.46 1.54
CA CYS A 109 -4.99 12.16 2.84
C CYS A 109 -4.50 13.58 2.68
N PRO A 110 -5.33 14.46 2.12
CA PRO A 110 -4.89 15.82 1.86
C PRO A 110 -4.50 16.66 3.09
N PHE A 111 -3.44 17.45 2.91
CA PHE A 111 -3.05 18.45 3.84
C PHE A 111 -3.76 19.76 3.52
N ASP A 112 -4.83 20.05 4.27
CA ASP A 112 -5.54 21.33 4.15
C ASP A 112 -5.94 21.61 2.71
N SER A 113 -5.67 22.82 2.25
CA SER A 113 -5.96 23.11 0.88
C SER A 113 -4.69 23.46 0.17
N THR A 114 -3.66 22.63 0.34
CA THR A 114 -2.35 22.87 -0.27
C THR A 114 -2.14 22.20 -1.58
N GLY A 115 -3.08 21.38 -2.00
CA GLY A 115 -2.88 20.63 -3.23
C GLY A 115 -2.05 19.37 -3.08
N MET A 116 -1.55 19.13 -1.87
CA MET A 116 -0.64 18.02 -1.61
C MET A 116 -1.20 17.16 -0.51
N SER A 117 -0.64 15.97 -0.39
CA SER A 117 -1.18 15.00 0.53
C SER A 117 -0.07 14.11 1.11
N ILE A 118 -0.47 13.21 2.01
CA ILE A 118 0.47 12.24 2.55
C ILE A 118 1.06 11.41 1.44
N ALA A 119 0.21 11.04 0.47
CA ALA A 119 0.67 10.26 -0.69
C ALA A 119 1.80 10.94 -1.46
N SER A 120 1.59 12.22 -1.82
CA SER A 120 2.56 12.93 -2.67
C SER A 120 3.82 13.20 -1.87
N TRP A 121 3.64 13.62 -0.63
CA TRP A 121 4.83 13.94 0.18
C TRP A 121 5.71 12.70 0.41
N SER A 122 5.08 11.52 0.63
CA SER A 122 5.80 10.24 0.69
C SER A 122 6.67 9.98 -0.56
N LYS A 123 6.09 10.01 -1.76
CA LYS A 123 6.92 9.75 -2.97
C LYS A 123 8.00 10.77 -2.95
N LYS A 124 7.57 12.02 -2.86
CA LYS A 124 8.47 13.16 -3.03
C LYS A 124 9.64 13.17 -2.04
N ASN A 125 9.32 12.98 -0.76
CA ASN A 125 10.34 12.97 0.30
C ASN A 125 11.20 11.71 0.31
N ALA A 126 10.61 10.60 -0.13
CA ALA A 126 11.37 9.35 -0.28
C ALA A 126 12.38 9.46 -1.41
N GLN A 127 11.95 10.04 -2.52
CA GLN A 127 12.84 10.28 -3.65
C GLN A 127 14.04 11.10 -3.22
N LEU A 128 13.80 12.23 -2.60
CA LEU A 128 14.87 13.08 -2.06
C LEU A 128 15.82 12.28 -1.19
N LEU A 129 15.28 11.49 -0.29
CA LEU A 129 16.14 10.82 0.67
C LEU A 129 17.06 9.78 0.02
N LEU A 130 16.51 9.02 -0.91
CA LEU A 130 17.32 8.04 -1.61
C LEU A 130 18.49 8.72 -2.33
N ASP A 131 18.20 9.74 -3.14
CA ASP A 131 19.24 10.43 -3.91
C ASP A 131 20.34 10.93 -2.98
N LEU A 132 19.93 11.42 -1.82
CA LEU A 132 20.87 11.90 -0.82
C LEU A 132 21.75 10.77 -0.25
N CYS A 133 21.21 9.54 -0.24
CA CYS A 133 21.97 8.32 0.15
C CYS A 133 22.92 7.80 -0.97
N LYS A 134 22.47 7.82 -2.23
CA LYS A 134 23.32 7.48 -3.38
C LYS A 134 24.47 8.45 -3.45
N GLN A 135 24.19 9.72 -3.19
CA GLN A 135 25.20 10.79 -3.09
C GLN A 135 26.26 10.54 -2.04
N ASN A 136 25.94 9.77 -1.00
CA ASN A 136 26.84 9.58 0.15
C ASN A 136 26.87 8.16 0.55
N GLU A 137 27.13 7.30 -0.43
CA GLU A 137 27.10 5.87 -0.16
C GLU A 137 28.16 5.46 0.83
N ASN A 138 27.85 4.44 1.60
CA ASN A 138 28.76 3.86 2.59
C ASN A 138 29.15 4.82 3.67
N LYS A 139 28.25 5.78 3.91
CA LYS A 139 28.41 6.76 4.95
C LYS A 139 27.19 6.76 5.92
N THR A 140 27.40 7.32 7.09
CA THR A 140 26.35 7.51 8.08
C THR A 140 25.84 8.95 8.00
N ILE A 141 24.58 9.08 7.59
CA ILE A 141 23.98 10.36 7.29
C ILE A 141 22.92 10.76 8.34
N VAL A 142 22.98 11.99 8.81
CA VAL A 142 22.01 12.50 9.76
C VAL A 142 21.16 13.58 9.09
N CYS A 143 19.88 13.56 9.34
CA CYS A 143 19.00 14.56 8.84
C CYS A 143 18.08 15.04 9.93
N VAL A 144 18.18 16.32 10.26
CA VAL A 144 17.32 16.89 11.28
C VAL A 144 16.13 17.50 10.60
N SER A 145 14.95 17.03 10.95
CA SER A 145 13.77 17.53 10.29
C SER A 145 12.53 17.56 11.21
N HIS A 146 11.34 17.46 10.60
CA HIS A 146 10.12 17.65 11.32
C HIS A 146 9.24 16.41 11.32
N GLY A 147 8.21 16.45 12.16
CA GLY A 147 7.34 15.32 12.38
C GLY A 147 6.53 14.91 11.14
N ALA A 148 5.79 15.81 10.52
CA ALA A 148 5.05 15.38 9.32
C ALA A 148 6.03 14.93 8.19
N TRP A 149 7.17 15.61 8.06
CA TRP A 149 8.10 15.30 7.01
C TRP A 149 8.79 13.95 7.22
N ILE A 150 9.32 13.71 8.42
CA ILE A 150 9.95 12.43 8.71
C ILE A 150 8.93 11.26 8.59
N LYS A 151 7.72 11.38 9.15
CA LYS A 151 6.71 10.30 9.06
C LYS A 151 6.42 9.89 7.58
N THR A 152 6.07 10.86 6.73
CA THR A 152 5.91 10.62 5.28
C THR A 152 7.14 9.97 4.63
N SER A 153 8.34 10.36 5.06
CA SER A 153 9.57 9.70 4.55
C SER A 153 9.62 8.21 4.89
N ILE A 154 9.15 7.84 6.09
CA ILE A 154 9.09 6.44 6.48
C ILE A 154 8.10 5.74 5.59
N LEU A 155 6.95 6.35 5.35
CA LEU A 155 5.95 5.72 4.51
C LEU A 155 6.42 5.61 3.09
N GLY A 156 7.18 6.59 2.64
CA GLY A 156 7.68 6.59 1.27
C GLY A 156 8.77 5.56 1.08
N LEU A 157 9.67 5.53 2.05
CA LEU A 157 10.83 4.65 2.00
C LEU A 157 10.44 3.17 2.06
N LEU A 158 9.50 2.83 2.93
CA LEU A 158 9.04 1.46 3.10
C LEU A 158 7.79 1.15 2.32
N GLU A 159 7.33 2.07 1.47
CA GLU A 159 6.20 1.84 0.57
C GLU A 159 4.86 1.56 1.23
N MET A 160 4.60 2.21 2.36
CA MET A 160 3.36 2.00 3.11
C MET A 160 2.26 2.86 2.57
N GLU A 161 1.02 2.55 2.93
CA GLU A 161 -0.10 3.30 2.37
C GLU A 161 -0.28 4.59 3.21
N PRO A 162 -0.90 5.63 2.62
CA PRO A 162 -1.08 6.90 3.34
C PRO A 162 -1.67 6.84 4.75
N THR A 163 -2.62 5.94 4.99
CA THR A 163 -3.30 5.86 6.30
C THR A 163 -2.41 5.36 7.43
N MET A 164 -1.30 4.70 7.08
CA MET A 164 -0.37 4.20 8.06
C MET A 164 0.28 5.35 8.81
N TYR A 165 0.29 6.52 8.18
CA TYR A 165 0.80 7.73 8.82
C TYR A 165 0.29 7.86 10.24
N HIS A 166 -1.00 7.58 10.46
CA HIS A 166 -1.59 7.81 11.77
C HIS A 166 -1.22 6.78 12.80
N LYS A 167 -0.54 5.74 12.37
CA LYS A 167 -0.07 4.70 13.29
C LYS A 167 1.36 4.94 13.78
N PHE A 168 1.90 6.11 13.49
CA PHE A 168 3.20 6.46 14.02
C PHE A 168 3.07 7.67 14.92
N GLN A 169 3.83 7.69 16.00
CA GLN A 169 3.95 8.89 16.82
C GLN A 169 5.41 9.15 17.11
N LEU A 170 5.84 10.33 16.70
CA LEU A 170 7.22 10.65 16.59
C LEU A 170 7.43 11.85 17.47
N GLY A 171 8.04 11.65 18.62
CA GLY A 171 8.34 12.74 19.50
C GLY A 171 9.62 13.53 19.23
N ASN A 172 9.73 14.61 19.96
CA ASN A 172 10.83 15.51 19.80
C ASN A 172 12.14 14.85 20.07
N THR A 173 13.00 14.98 19.11
CA THR A 173 14.31 14.43 19.22
C THR A 173 14.34 12.94 18.99
N GLY A 174 13.23 12.37 18.57
CA GLY A 174 13.15 10.95 18.30
C GLY A 174 14.04 10.57 17.12
N ILE A 175 14.80 9.50 17.29
CA ILE A 175 15.66 9.00 16.22
C ILE A 175 14.98 7.88 15.41
N THR A 176 15.17 7.91 14.10
CA THR A 176 14.67 6.91 13.21
C THR A 176 15.82 6.63 12.28
N THR A 177 16.19 5.36 12.13
CA THR A 177 17.33 4.95 11.30
C THR A 177 16.93 3.87 10.27
N PHE A 178 17.55 3.95 9.12
CA PHE A 178 17.50 2.89 8.12
C PHE A 178 18.93 2.42 7.75
N ILE A 179 18.93 1.24 7.13
CA ILE A 179 20.05 0.71 6.37
C ILE A 179 19.49 0.10 5.10
N PHE A 180 20.37 -0.44 4.25
CA PHE A 180 19.92 -1.01 2.98
C PHE A 180 20.24 -2.48 2.73
N ARG A 181 19.20 -3.18 2.31
CA ARG A 181 19.21 -4.59 2.03
C ARG A 181 18.17 -4.98 0.96
N HIS A 182 18.54 -5.19 -0.31
CA HIS A 182 19.88 -5.03 -0.85
C HIS A 182 19.99 -3.60 -1.40
N GLY A 183 18.95 -3.22 -2.12
CA GLY A 183 18.73 -1.84 -2.52
C GLY A 183 17.54 -1.23 -1.80
N HIS A 184 16.92 -1.98 -0.88
CA HIS A 184 15.71 -1.47 -0.24
C HIS A 184 15.97 -1.01 1.21
N PRO A 185 15.37 0.12 1.57
CA PRO A 185 15.61 0.58 2.92
C PRO A 185 15.01 -0.39 3.91
N VAL A 186 15.69 -0.56 5.04
CA VAL A 186 15.25 -1.44 6.09
C VAL A 186 15.22 -0.62 7.35
N LEU A 187 14.05 -0.57 7.99
CA LEU A 187 13.91 0.20 9.21
C LEU A 187 14.58 -0.53 10.38
N THR A 188 15.64 0.03 10.94
CA THR A 188 16.31 -0.58 12.09
C THR A 188 15.95 0.11 13.40
N SER A 189 15.23 1.23 13.36
CA SER A 189 14.73 1.87 14.58
C SER A 189 13.80 3.02 14.25
N PHE A 190 12.91 3.35 15.19
CA PHE A 190 11.95 4.45 15.03
C PHE A 190 11.67 5.10 16.36
N ASN A 191 11.53 6.41 16.36
CA ASN A 191 11.36 7.23 17.56
C ASN A 191 12.05 6.81 18.86
N SER A 192 13.30 6.44 18.76
CA SER A 192 14.09 6.17 19.95
C SER A 192 14.32 7.45 20.71
N THR A 193 13.88 7.44 21.96
CA THR A 193 13.86 8.61 22.86
C THR A 193 14.43 8.29 24.27
N GLN A 194 15.28 7.26 24.34
CA GLN A 194 15.88 6.79 25.58
C GLN A 194 16.87 7.78 26.17
N HIS A 195 17.40 8.65 25.32
CA HIS A 195 18.24 9.79 25.74
C HIS A 195 17.47 10.96 26.47
N LEU A 196 16.15 10.80 26.69
CA LEU A 196 15.30 11.83 27.30
C LEU A 196 15.00 11.46 28.72
N LEU A 197 15.19 12.41 29.62
CA LEU A 197 15.04 12.20 31.04
C LEU A 197 13.76 12.89 31.51
N MET B 1 -4.26 5.57 28.55
CA MET B 1 -2.81 5.54 28.97
C MET B 1 -2.26 4.11 29.04
N THR B 2 -2.86 3.23 28.23
CA THR B 2 -2.45 1.86 28.18
C THR B 2 -1.18 1.83 27.32
N LYS B 3 -0.08 1.33 27.90
CA LYS B 3 1.17 1.22 27.17
C LYS B 3 1.65 -0.23 27.04
N LEU B 4 2.01 -0.63 25.83
CA LEU B 4 2.45 -1.99 25.55
C LEU B 4 3.85 -1.93 25.07
N ILE B 5 4.71 -2.69 25.72
CA ILE B 5 6.14 -2.68 25.47
C ILE B 5 6.58 -4.08 25.12
N LEU B 6 7.26 -4.20 24.00
CA LEU B 6 7.69 -5.48 23.49
C LEU B 6 9.19 -5.48 23.42
N ILE B 7 9.81 -6.48 24.02
CA ILE B 7 11.26 -6.51 24.15
C ILE B 7 11.79 -7.86 23.68
N ARG B 8 12.74 -7.83 22.77
CA ARG B 8 13.35 -9.06 22.39
C ARG B 8 14.45 -9.48 23.39
N HIS B 9 14.60 -10.78 23.55
CA HIS B 9 15.59 -11.33 24.45
C HIS B 9 17.01 -10.99 23.99
N GLY B 10 17.92 -11.20 24.94
CA GLY B 10 19.33 -10.98 24.76
C GLY B 10 19.95 -11.91 23.72
N GLU B 11 21.24 -11.75 23.53
CA GLU B 11 21.92 -12.48 22.50
C GLU B 11 22.11 -13.93 22.89
N THR B 12 21.99 -14.80 21.89
CA THR B 12 22.44 -16.19 22.00
C THR B 12 23.57 -16.50 20.98
N GLU B 13 24.14 -17.70 21.10
CA GLU B 13 25.12 -18.14 20.14
C GLU B 13 24.54 -18.30 18.77
N TRP B 14 23.28 -18.78 18.66
CA TRP B 14 22.69 -19.01 17.33
C TRP B 14 22.42 -17.71 16.65
N ASN B 15 22.03 -16.69 17.42
CA ASN B 15 21.92 -15.34 16.91
C ASN B 15 23.24 -14.91 16.24
N LEU B 16 24.33 -15.08 16.97
CA LEU B 16 25.66 -14.83 16.47
C LEU B 16 25.95 -15.54 15.19
N LEU B 17 25.38 -16.73 15.00
CA LEU B 17 25.65 -17.56 13.82
C LEU B 17 24.64 -17.40 12.67
N GLY B 18 23.60 -16.62 12.87
CA GLY B 18 22.51 -16.55 11.86
C GLY B 18 21.70 -17.82 11.78
N LYS B 19 21.68 -18.60 12.85
CA LYS B 19 20.92 -19.85 12.89
C LYS B 19 19.51 -19.60 13.37
N ILE B 20 18.52 -20.03 12.58
CA ILE B 20 17.13 -19.88 12.92
C ILE B 20 16.97 -20.57 14.25
N GLN B 21 16.33 -19.90 15.16
CA GLN B 21 16.33 -20.32 16.55
C GLN B 21 14.92 -20.18 17.06
N GLY B 22 14.17 -21.27 17.01
CA GLY B 22 12.73 -21.28 17.38
C GLY B 22 12.53 -22.05 18.69
N CYS B 23 12.25 -23.35 18.53
CA CYS B 23 11.97 -24.30 19.64
C CYS B 23 13.22 -24.71 20.46
N THR B 24 14.39 -24.66 19.84
CA THR B 24 15.62 -24.96 20.58
C THR B 24 15.76 -23.97 21.75
N ASP B 25 16.03 -24.47 22.97
CA ASP B 25 16.02 -23.65 24.16
C ASP B 25 17.45 -23.23 24.53
N ILE B 26 18.00 -22.38 23.65
CA ILE B 26 19.38 -21.93 23.78
C ILE B 26 19.51 -20.83 24.81
N GLU B 27 20.57 -20.95 25.59
CA GLU B 27 20.83 -20.02 26.68
C GLU B 27 21.43 -18.73 26.14
N LEU B 28 21.53 -17.73 27.00
CA LEU B 28 22.16 -16.49 26.62
C LEU B 28 23.69 -16.60 26.68
N THR B 29 24.37 -15.81 25.85
CA THR B 29 25.82 -15.65 26.00
C THR B 29 26.06 -14.63 27.12
N PRO B 30 27.28 -14.52 27.67
CA PRO B 30 27.52 -13.51 28.72
C PRO B 30 27.23 -12.09 28.23
N ASN B 31 27.47 -11.86 26.95
CA ASN B 31 27.11 -10.58 26.37
C ASN B 31 25.58 -10.36 26.47
N GLY B 32 24.84 -11.42 26.14
CA GLY B 32 23.41 -11.39 26.16
C GLY B 32 22.82 -11.25 27.52
N ILE B 33 23.58 -11.66 28.54
CA ILE B 33 23.21 -11.45 29.94
C ILE B 33 23.42 -9.97 30.22
N GLN B 34 24.57 -9.48 29.82
CA GLN B 34 24.89 -8.09 30.01
C GLN B 34 23.80 -7.23 29.35
N GLN B 35 23.46 -7.57 28.10
CA GLN B 35 22.36 -6.92 27.39
C GLN B 35 21.12 -6.80 28.24
N ALA B 36 20.73 -7.94 28.80
CA ALA B 36 19.54 -8.05 29.67
C ALA B 36 19.61 -7.11 30.87
N ASN B 37 20.79 -7.04 31.49
CA ASN B 37 21.04 -6.11 32.58
C ASN B 37 20.87 -4.67 32.16
N GLU B 38 21.45 -4.36 31.01
CA GLU B 38 21.37 -3.03 30.47
C GLU B 38 19.93 -2.63 30.22
N VAL B 39 19.18 -3.47 29.51
CA VAL B 39 17.80 -3.12 29.20
C VAL B 39 17.01 -2.99 30.50
N ALA B 40 17.32 -3.86 31.47
CA ALA B 40 16.70 -3.72 32.80
C ALA B 40 17.05 -2.41 33.45
N GLN B 41 18.29 -1.99 33.31
CA GLN B 41 18.76 -0.75 33.92
C GLN B 41 18.04 0.48 33.31
N GLN B 42 17.80 0.43 32.00
CA GLN B 42 17.06 1.47 31.29
C GLN B 42 15.58 1.49 31.69
N ILE B 43 14.96 0.32 31.91
CA ILE B 43 13.53 0.24 32.21
C ILE B 43 13.26 0.68 33.64
N LYS B 44 14.22 0.43 34.57
CA LYS B 44 14.21 0.89 35.99
C LYS B 44 12.89 0.57 36.67
N GLY B 45 12.22 -0.50 36.26
CA GLY B 45 10.97 -0.88 36.92
C GLY B 45 9.77 -0.04 36.52
N ASN B 46 9.91 0.80 35.51
CA ASN B 46 8.80 1.58 35.01
C ASN B 46 7.79 0.75 34.17
N PHE B 47 7.09 -0.14 34.86
CA PHE B 47 6.07 -0.91 34.19
C PHE B 47 5.19 -1.45 35.30
N ASP B 48 4.02 -1.95 34.94
CA ASP B 48 3.15 -2.47 35.97
C ASP B 48 3.23 -3.99 36.01
N ILE B 49 2.96 -4.62 34.88
CA ILE B 49 3.03 -6.05 34.79
C ILE B 49 4.00 -6.44 33.66
N ILE B 50 4.60 -7.62 33.77
CA ILE B 50 5.58 -8.12 32.80
C ILE B 50 5.32 -9.57 32.47
N TYR B 51 5.21 -9.87 31.20
CA TYR B 51 4.93 -11.19 30.73
C TYR B 51 6.17 -11.73 30.03
N SER B 52 6.22 -13.02 29.78
CA SER B 52 7.39 -13.58 29.09
C SER B 52 7.10 -14.82 28.32
N SER B 53 7.94 -15.06 27.33
CA SER B 53 8.02 -16.37 26.71
C SER B 53 8.63 -17.38 27.72
N PRO B 54 8.20 -18.65 27.63
CA PRO B 54 8.74 -19.66 28.52
C PRO B 54 10.16 -19.99 28.18
N LEU B 55 10.54 -19.89 26.91
CA LEU B 55 11.90 -20.24 26.49
C LEU B 55 12.91 -19.57 27.39
N HIS B 56 14.01 -20.25 27.66
CA HIS B 56 14.97 -19.70 28.63
C HIS B 56 15.41 -18.31 28.16
N ARG B 57 16.00 -18.18 26.98
CA ARG B 57 16.57 -16.86 26.60
C ARG B 57 15.68 -15.65 27.01
N ALA B 58 14.36 -15.73 26.78
CA ALA B 58 13.44 -14.65 27.21
C ALA B 58 13.32 -14.54 28.72
N LEU B 59 12.98 -15.62 29.35
CA LEU B 59 12.71 -15.60 30.77
C LEU B 59 13.81 -15.02 31.58
N ILE B 60 15.01 -15.33 31.22
CA ILE B 60 16.15 -14.82 31.91
C ILE B 60 16.23 -13.31 31.75
N THR B 61 15.90 -12.85 30.57
CA THR B 61 15.89 -11.44 30.27
C THR B 61 14.80 -10.75 31.02
N ALA B 62 13.61 -11.33 31.04
CA ALA B 62 12.51 -10.76 31.78
C ALA B 62 12.76 -10.73 33.24
N GLN B 63 13.41 -11.75 33.72
CA GLN B 63 13.71 -11.86 35.10
C GLN B 63 14.58 -10.72 35.57
N LYS B 64 15.48 -10.27 34.76
CA LYS B 64 16.38 -9.20 35.18
C LYS B 64 15.67 -7.89 35.15
N ILE B 65 14.75 -7.76 34.22
CA ILE B 65 13.94 -6.55 34.12
C ILE B 65 12.91 -6.49 35.23
N ALA B 66 12.32 -7.64 35.57
CA ALA B 66 11.24 -7.69 36.55
C ALA B 66 11.70 -7.31 37.97
N GLY B 67 12.97 -7.55 38.27
CA GLY B 67 13.49 -7.40 39.66
C GLY B 67 12.72 -8.28 40.65
N ASP B 68 11.98 -7.66 41.57
CA ASP B 68 11.18 -8.42 42.52
C ASP B 68 9.73 -8.61 42.08
N LYS B 69 9.40 -8.25 40.85
CA LYS B 69 8.05 -8.50 40.30
C LYS B 69 7.98 -9.92 39.75
N GLU B 70 6.78 -10.44 39.68
CA GLU B 70 6.58 -11.75 39.11
C GLU B 70 6.51 -11.65 37.60
N VAL B 71 7.28 -12.52 36.95
CA VAL B 71 7.24 -12.67 35.52
C VAL B 71 6.13 -13.64 35.11
N HIS B 72 5.15 -13.20 34.31
CA HIS B 72 4.03 -14.09 33.98
C HIS B 72 4.20 -14.84 32.66
N LEU B 73 4.19 -16.17 32.70
CA LEU B 73 4.54 -16.96 31.56
C LEU B 73 3.38 -17.19 30.66
N ILE B 74 3.51 -16.84 29.40
CA ILE B 74 2.48 -17.02 28.42
C ILE B 74 3.04 -17.96 27.39
N GLU B 75 2.31 -19.05 27.14
CA GLU B 75 2.80 -20.12 26.26
C GLU B 75 2.85 -19.66 24.81
N GLY B 76 1.97 -18.73 24.50
CA GLY B 76 1.86 -18.19 23.18
C GLY B 76 2.84 -17.11 22.87
N MET B 77 3.66 -16.72 23.87
CA MET B 77 4.78 -15.80 23.63
C MET B 77 6.03 -16.50 23.14
N LYS B 78 5.95 -17.81 22.96
CA LYS B 78 7.02 -18.63 22.46
C LYS B 78 7.35 -18.29 21.00
N GLU B 79 8.62 -18.38 20.64
CA GLU B 79 9.00 -18.04 19.31
C GLU B 79 8.21 -18.85 18.35
N ILE B 80 7.93 -18.27 17.19
CA ILE B 80 7.22 -18.94 16.12
C ILE B 80 7.97 -20.20 15.75
N PRO B 81 7.25 -21.30 15.51
CA PRO B 81 7.95 -22.49 15.06
C PRO B 81 8.38 -22.34 13.60
N PHE B 82 9.57 -22.84 13.32
CA PHE B 82 10.17 -22.73 12.02
C PHE B 82 10.36 -24.07 11.34
N GLY B 83 9.99 -25.16 12.01
CA GLY B 83 10.00 -26.49 11.44
C GLY B 83 11.36 -26.92 10.89
N THR B 84 11.38 -27.32 9.62
CA THR B 84 12.63 -27.72 9.00
C THR B 84 13.65 -26.58 9.04
N TRP B 85 13.19 -25.35 8.86
CA TRP B 85 14.11 -24.21 8.83
C TRP B 85 15.00 -24.21 10.05
N GLU B 86 14.47 -24.68 11.17
CA GLU B 86 15.14 -24.67 12.45
C GLU B 86 16.58 -25.14 12.33
N GLY B 87 17.48 -24.40 12.95
CA GLY B 87 18.89 -24.73 12.94
C GLY B 87 19.61 -24.35 11.68
N HIS B 88 19.03 -23.51 10.86
CA HIS B 88 19.65 -23.14 9.60
C HIS B 88 19.83 -21.65 9.39
N THR B 89 20.73 -21.29 8.49
CA THR B 89 20.99 -19.91 8.15
C THR B 89 20.16 -19.71 6.91
N PHE B 90 19.80 -18.47 6.63
CA PHE B 90 18.99 -18.21 5.46
C PHE B 90 19.70 -18.64 4.20
N GLU B 91 20.99 -18.45 4.16
CA GLU B 91 21.79 -18.92 3.00
C GLU B 91 21.47 -20.39 2.69
N GLU B 92 21.40 -21.24 3.72
CA GLU B 92 21.16 -22.68 3.52
C GLU B 92 19.79 -23.01 2.95
N LEU B 93 18.91 -22.04 3.20
CA LEU B 93 17.53 -22.02 2.78
C LEU B 93 17.50 -21.53 1.35
N ASN B 94 18.68 -21.20 0.77
CA ASN B 94 18.77 -20.77 -0.61
C ASN B 94 18.20 -21.95 -1.35
N GLY B 95 17.24 -21.66 -2.20
CA GLY B 95 16.49 -22.70 -2.88
C GLY B 95 15.56 -23.65 -2.12
N ASP B 96 14.52 -23.12 -1.53
CA ASP B 96 13.44 -23.93 -0.93
C ASP B 96 12.20 -23.26 -1.55
N ILE B 97 11.21 -24.08 -1.92
CA ILE B 97 9.95 -23.55 -2.48
C ILE B 97 9.31 -22.56 -1.49
N ASN B 98 9.29 -22.95 -0.22
CA ASN B 98 8.77 -22.09 0.85
C ASN B 98 9.56 -20.82 1.16
N TYR B 99 10.89 -20.90 1.19
CA TYR B 99 11.69 -19.72 1.47
C TYR B 99 11.48 -18.65 0.41
N LYS B 100 11.38 -19.05 -0.85
CA LYS B 100 11.08 -18.10 -1.92
C LYS B 100 9.72 -17.44 -1.62
N LYS B 101 8.76 -18.23 -1.17
CA LYS B 101 7.45 -17.69 -0.87
C LYS B 101 7.50 -16.72 0.30
N PHE B 102 8.29 -17.06 1.32
CA PHE B 102 8.56 -16.21 2.50
C PHE B 102 9.03 -14.80 2.09
N LEU B 103 9.87 -14.70 1.06
CA LEU B 103 10.30 -13.41 0.50
C LEU B 103 9.26 -12.83 -0.47
N SER B 104 8.67 -13.65 -1.32
CA SER B 104 7.83 -13.17 -2.42
C SER B 104 6.45 -12.72 -1.98
N GLY B 105 6.00 -13.30 -0.87
CA GLY B 105 4.71 -12.98 -0.28
C GLY B 105 3.60 -13.94 -0.57
N GLU B 106 3.94 -15.01 -1.25
CA GLU B 106 2.96 -15.98 -1.65
C GLU B 106 2.47 -16.85 -0.54
N ASP B 107 1.16 -16.94 -0.41
CA ASP B 107 0.59 -17.79 0.59
C ASP B 107 0.89 -17.21 1.92
N GLY B 108 0.79 -15.89 1.98
CA GLY B 108 1.06 -15.11 3.20
C GLY B 108 2.44 -15.29 3.83
N CYS B 109 3.44 -15.63 3.02
CA CYS B 109 4.79 -15.89 3.48
C CYS B 109 4.94 -17.07 4.43
N PRO B 110 4.88 -18.31 3.94
CA PRO B 110 5.06 -19.48 4.82
C PRO B 110 6.41 -19.62 5.58
N PHE B 111 6.32 -20.17 6.78
CA PHE B 111 7.51 -20.53 7.55
C PHE B 111 7.65 -22.04 7.39
N ASP B 112 8.64 -22.53 6.67
CA ASP B 112 8.83 -23.96 6.55
C ASP B 112 7.55 -24.54 6.01
N SER B 113 7.11 -25.65 6.57
CA SER B 113 5.86 -26.27 6.16
C SER B 113 5.04 -26.47 7.42
N THR B 114 5.16 -25.51 8.33
CA THR B 114 4.52 -25.60 9.61
C THR B 114 3.08 -25.39 9.35
N GLY B 115 2.76 -25.00 8.13
CA GLY B 115 1.35 -24.76 7.77
C GLY B 115 0.87 -23.35 8.04
N MET B 116 1.70 -22.59 8.74
CA MET B 116 1.41 -21.21 9.07
C MET B 116 2.32 -20.23 8.36
N SER B 117 1.85 -19.01 8.22
CA SER B 117 2.56 -17.95 7.53
C SER B 117 2.70 -16.73 8.39
N ILE B 118 3.25 -15.69 7.81
CA ILE B 118 3.43 -14.47 8.54
C ILE B 118 2.05 -13.94 8.72
N ALA B 119 1.27 -13.95 7.65
CA ALA B 119 -0.12 -13.54 7.70
C ALA B 119 -0.79 -14.09 8.95
N SER B 120 -0.74 -15.41 9.09
CA SER B 120 -1.49 -16.01 10.17
C SER B 120 -0.99 -15.56 11.54
N TRP B 121 0.31 -15.44 11.67
CA TRP B 121 0.85 -15.08 12.97
C TRP B 121 0.57 -13.61 13.35
N SER B 122 0.62 -12.71 12.36
CA SER B 122 0.17 -11.33 12.53
C SER B 122 -1.23 -11.23 13.19
N LYS B 123 -2.21 -11.93 12.61
CA LYS B 123 -3.52 -11.95 13.18
C LYS B 123 -3.51 -12.52 14.59
N LYS B 124 -2.98 -13.75 14.73
CA LYS B 124 -3.00 -14.49 16.00
C LYS B 124 -2.29 -13.74 17.14
N ASN B 125 -1.05 -13.29 16.89
CA ASN B 125 -0.29 -12.60 17.93
C ASN B 125 -0.88 -11.23 18.34
N ALA B 126 -1.50 -10.56 17.38
CA ALA B 126 -2.15 -9.27 17.68
C ALA B 126 -3.34 -9.52 18.55
N GLN B 127 -4.11 -10.53 18.20
CA GLN B 127 -5.31 -10.85 18.96
C GLN B 127 -4.99 -11.13 20.42
N LEU B 128 -3.89 -11.84 20.65
CA LEU B 128 -3.42 -12.07 22.00
C LEU B 128 -3.02 -10.79 22.68
N LEU B 129 -2.27 -9.95 21.97
CA LEU B 129 -1.75 -8.75 22.61
C LEU B 129 -2.86 -7.76 22.95
N LEU B 130 -3.82 -7.62 22.03
CA LEU B 130 -5.00 -6.79 22.27
C LEU B 130 -5.73 -7.26 23.51
N ASP B 131 -6.01 -8.58 23.58
CA ASP B 131 -6.66 -9.18 24.77
C ASP B 131 -5.86 -8.95 26.08
N LEU B 132 -4.53 -9.08 26.00
CA LEU B 132 -3.70 -8.87 27.16
C LEU B 132 -3.78 -7.41 27.66
N CYS B 133 -4.00 -6.48 26.71
CA CYS B 133 -4.23 -5.05 26.96
C CYS B 133 -5.64 -4.70 27.50
N LYS B 134 -6.67 -5.26 26.82
CA LYS B 134 -8.07 -5.12 27.26
C LYS B 134 -8.19 -5.58 28.71
N GLN B 135 -7.41 -6.57 29.09
CA GLN B 135 -7.34 -7.09 30.47
C GLN B 135 -6.38 -6.32 31.45
N ASN B 136 -5.64 -5.33 30.93
CA ASN B 136 -4.69 -4.57 31.75
C ASN B 136 -4.82 -3.07 31.48
N GLU B 137 -6.05 -2.58 31.27
CA GLU B 137 -6.21 -1.21 30.78
C GLU B 137 -5.66 -0.20 31.74
N ASN B 138 -5.14 0.90 31.19
CA ASN B 138 -4.50 1.97 32.00
C ASN B 138 -3.36 1.44 32.86
N LYS B 139 -2.59 0.53 32.27
CA LYS B 139 -1.37 -0.02 32.86
C LYS B 139 -0.31 -0.10 31.78
N THR B 140 0.92 -0.09 32.19
CA THR B 140 2.04 -0.36 31.31
C THR B 140 2.43 -1.83 31.38
N ILE B 141 2.32 -2.49 30.23
CA ILE B 141 2.62 -3.92 30.03
C ILE B 141 3.97 -4.14 29.32
N VAL B 142 4.84 -4.96 29.88
CA VAL B 142 6.05 -5.41 29.24
C VAL B 142 5.88 -6.87 28.83
N CYS B 143 6.41 -7.23 27.68
CA CYS B 143 6.33 -8.57 27.18
C CYS B 143 7.69 -8.95 26.56
N VAL B 144 8.34 -9.96 27.13
CA VAL B 144 9.66 -10.47 26.62
C VAL B 144 9.44 -11.65 25.69
N SER B 145 9.85 -11.53 24.44
CA SER B 145 9.59 -12.53 23.41
C SER B 145 10.72 -12.60 22.37
N HIS B 146 10.36 -13.04 21.16
CA HIS B 146 11.35 -13.39 20.18
C HIS B 146 11.27 -12.55 18.92
N GLY B 147 12.29 -12.63 18.08
CA GLY B 147 12.34 -11.77 16.89
C GLY B 147 11.13 -11.91 15.90
N ALA B 148 10.88 -13.10 15.43
CA ALA B 148 9.81 -13.28 14.48
C ALA B 148 8.47 -12.98 15.15
N TRP B 149 8.36 -13.31 16.41
CA TRP B 149 7.08 -13.21 17.09
C TRP B 149 6.66 -11.75 17.15
N ILE B 150 7.56 -10.94 17.69
CA ILE B 150 7.34 -9.51 17.88
C ILE B 150 7.07 -8.81 16.53
N LYS B 151 7.85 -9.15 15.50
CA LYS B 151 7.72 -8.53 14.18
C LYS B 151 6.33 -8.77 13.57
N THR B 152 5.84 -10.00 13.66
CA THR B 152 4.46 -10.32 13.24
C THR B 152 3.41 -9.62 14.08
N SER B 153 3.66 -9.51 15.40
CA SER B 153 2.82 -8.74 16.30
C SER B 153 2.65 -7.30 15.81
N ILE B 154 3.74 -6.70 15.30
CA ILE B 154 3.71 -5.35 14.76
C ILE B 154 2.82 -5.34 13.53
N LEU B 155 3.08 -6.24 12.58
CA LEU B 155 2.27 -6.29 11.35
C LEU B 155 0.80 -6.46 11.65
N GLY B 156 0.49 -7.26 12.68
CA GLY B 156 -0.86 -7.49 13.12
C GLY B 156 -1.42 -6.26 13.76
N LEU B 157 -0.74 -5.72 14.73
CA LEU B 157 -1.21 -4.54 15.42
C LEU B 157 -1.44 -3.31 14.50
N LEU B 158 -0.50 -3.05 13.61
CA LEU B 158 -0.61 -1.92 12.67
C LEU B 158 -1.24 -2.32 11.33
N GLU B 159 -1.73 -3.54 11.26
CA GLU B 159 -2.47 -4.05 10.09
C GLU B 159 -1.69 -3.88 8.81
N MET B 160 -0.41 -4.22 8.80
CA MET B 160 0.41 -4.12 7.59
C MET B 160 0.41 -5.43 6.79
N GLU B 161 0.91 -5.37 5.56
CA GLU B 161 0.91 -6.51 4.62
C GLU B 161 2.16 -7.37 4.88
N PRO B 162 2.03 -8.70 4.85
CA PRO B 162 3.06 -9.62 5.42
C PRO B 162 4.52 -9.45 4.94
N THR B 163 4.70 -8.92 3.73
CA THR B 163 6.01 -8.71 3.11
C THR B 163 6.79 -7.61 3.82
N MET B 164 6.08 -6.64 4.41
CA MET B 164 6.64 -5.58 5.28
C MET B 164 7.52 -6.13 6.39
N TYR B 165 7.21 -7.35 6.85
CA TYR B 165 8.07 -8.07 7.78
C TYR B 165 9.58 -7.98 7.51
N HIS B 166 9.95 -7.95 6.24
CA HIS B 166 11.34 -7.93 5.84
C HIS B 166 11.97 -6.53 5.88
N LYS B 167 11.09 -5.52 5.93
CA LYS B 167 11.46 -4.09 6.05
C LYS B 167 11.67 -3.65 7.50
N PHE B 168 11.51 -4.57 8.42
CA PHE B 168 11.76 -4.30 9.80
C PHE B 168 12.93 -5.15 10.20
N GLN B 169 13.78 -4.58 11.07
CA GLN B 169 14.86 -5.31 11.63
C GLN B 169 14.88 -5.05 13.12
N LEU B 170 14.79 -6.14 13.89
CA LEU B 170 14.77 -6.11 15.34
C LEU B 170 15.98 -6.73 15.94
N GLY B 171 16.58 -6.03 16.91
CA GLY B 171 17.83 -6.45 17.61
C GLY B 171 17.60 -6.98 19.02
N ASN B 172 18.57 -7.65 19.57
CA ASN B 172 18.41 -8.21 20.88
C ASN B 172 18.27 -7.10 21.89
N THR B 173 17.22 -7.17 22.66
CA THR B 173 16.89 -6.19 23.67
C THR B 173 16.24 -4.98 23.04
N GLY B 174 16.01 -5.05 21.75
CA GLY B 174 15.29 -4.01 21.07
C GLY B 174 13.94 -3.77 21.75
N ILE B 175 13.62 -2.52 22.02
CA ILE B 175 12.32 -2.15 22.61
C ILE B 175 11.39 -1.67 21.54
N THR B 176 10.10 -1.94 21.71
CA THR B 176 9.07 -1.53 20.76
C THR B 176 7.81 -1.22 21.56
N THR B 177 7.33 0.02 21.51
CA THR B 177 6.15 0.39 22.28
C THR B 177 4.92 0.76 21.41
N PHE B 178 3.76 0.63 22.01
CA PHE B 178 2.50 0.98 21.42
C PHE B 178 1.68 1.75 22.47
N ILE B 179 0.79 2.62 22.01
CA ILE B 179 -0.27 3.21 22.86
C ILE B 179 -1.51 3.09 22.00
N PHE B 180 -2.64 3.57 22.53
CA PHE B 180 -3.91 3.52 21.83
C PHE B 180 -4.55 4.89 21.58
N ARG B 181 -5.02 5.10 20.35
CA ARG B 181 -5.73 6.29 19.94
C ARG B 181 -6.70 5.98 18.72
N HIS B 182 -8.04 5.93 18.89
CA HIS B 182 -8.73 6.12 20.19
C HIS B 182 -8.54 4.86 21.00
N GLY B 183 -8.88 3.76 20.32
CA GLY B 183 -8.60 2.39 20.75
C GLY B 183 -7.77 1.59 19.73
N HIS B 184 -7.07 2.31 18.86
CA HIS B 184 -6.21 1.68 17.86
C HIS B 184 -4.77 1.82 18.29
N PRO B 185 -4.01 0.74 18.17
CA PRO B 185 -2.61 0.79 18.54
C PRO B 185 -1.88 1.74 17.63
N VAL B 186 -1.00 2.55 18.22
CA VAL B 186 -0.14 3.49 17.52
C VAL B 186 1.30 3.17 17.95
N LEU B 187 2.19 2.86 17.00
CA LEU B 187 3.59 2.61 17.32
C LEU B 187 4.30 3.87 17.77
N THR B 188 4.90 3.85 18.94
CA THR B 188 5.66 5.00 19.47
C THR B 188 7.15 4.73 19.68
N SER B 189 7.58 3.49 19.52
CA SER B 189 8.99 3.18 19.36
C SER B 189 9.12 1.84 18.69
N PHE B 190 10.22 1.66 17.98
CA PHE B 190 10.62 0.37 17.42
C PHE B 190 12.13 0.17 17.57
N ASN B 191 12.49 -0.99 18.05
CA ASN B 191 13.88 -1.38 18.20
C ASN B 191 14.81 -0.36 18.89
N SER B 192 14.33 0.38 19.87
CA SER B 192 15.25 1.22 20.63
C SER B 192 16.33 0.44 21.33
N THR B 193 17.58 0.83 21.08
CA THR B 193 18.74 0.09 21.55
C THR B 193 19.80 0.97 22.25
N GLN B 194 19.40 2.14 22.70
CA GLN B 194 20.33 3.09 23.26
C GLN B 194 21.05 2.65 24.50
N HIS B 195 20.47 1.68 25.17
CA HIS B 195 21.00 1.11 26.41
C HIS B 195 22.27 0.24 26.19
N LEU B 196 22.53 -0.17 24.96
CA LEU B 196 23.68 -1.03 24.66
C LEU B 196 24.95 -0.19 24.64
N LEU B 197 25.88 -0.53 25.54
CA LEU B 197 27.19 0.14 25.63
C LEU B 197 28.26 -0.82 25.12
N MET C 1 13.12 14.12 -37.36
CA MET C 1 13.53 15.06 -36.27
C MET C 1 12.47 15.12 -35.16
N THR C 2 12.92 15.11 -33.89
CA THR C 2 12.02 15.18 -32.75
C THR C 2 11.33 16.54 -32.73
N LYS C 3 10.01 16.53 -32.56
CA LYS C 3 9.21 17.75 -32.39
C LYS C 3 8.32 17.62 -31.15
N LEU C 4 8.37 18.63 -30.29
CA LEU C 4 7.54 18.67 -29.06
C LEU C 4 6.57 19.83 -29.12
N ILE C 5 5.28 19.48 -29.14
CA ILE C 5 4.25 20.45 -29.23
C ILE C 5 3.49 20.54 -27.93
N LEU C 6 3.41 21.73 -27.37
CA LEU C 6 2.64 21.98 -26.15
C LEU C 6 1.42 22.85 -26.51
N ILE C 7 0.23 22.38 -26.13
CA ILE C 7 -1.00 23.07 -26.45
C ILE C 7 -1.80 23.31 -25.22
N ARG C 8 -2.24 24.52 -25.04
CA ARG C 8 -3.06 24.81 -23.88
C ARG C 8 -4.54 24.51 -24.21
N HIS C 9 -5.28 24.04 -23.22
CA HIS C 9 -6.68 23.82 -23.40
C HIS C 9 -7.47 25.08 -23.77
N GLY C 10 -8.67 24.87 -24.27
CA GLY C 10 -9.54 25.95 -24.61
C GLY C 10 -9.98 26.75 -23.40
N GLU C 11 -10.91 27.64 -23.63
CA GLU C 11 -11.38 28.54 -22.61
C GLU C 11 -12.41 27.94 -21.66
N THR C 12 -12.38 28.39 -20.44
CA THR C 12 -13.27 27.94 -19.43
C THR C 12 -13.83 29.20 -18.82
N GLU C 13 -14.94 29.10 -18.13
CA GLU C 13 -15.54 30.27 -17.57
C GLU C 13 -14.63 30.91 -16.55
N TRP C 14 -13.91 30.08 -15.79
CA TRP C 14 -12.96 30.59 -14.81
C TRP C 14 -11.83 31.34 -15.47
N ASN C 15 -11.35 30.87 -16.62
CA ASN C 15 -10.36 31.63 -17.41
C ASN C 15 -10.84 33.07 -17.66
N LEU C 16 -12.06 33.21 -18.17
CA LEU C 16 -12.68 34.51 -18.45
C LEU C 16 -12.76 35.41 -17.24
N LEU C 17 -12.99 34.83 -16.08
CA LEU C 17 -13.19 35.58 -14.84
C LEU C 17 -11.86 35.84 -14.08
N GLY C 18 -10.74 35.37 -14.62
CA GLY C 18 -9.44 35.43 -13.91
C GLY C 18 -9.31 34.56 -12.65
N LYS C 19 -10.21 33.62 -12.39
CA LYS C 19 -10.12 32.81 -11.20
C LYS C 19 -9.13 31.70 -11.49
N ILE C 20 -8.19 31.52 -10.55
CA ILE C 20 -7.10 30.58 -10.72
C ILE C 20 -7.68 29.18 -10.66
N GLN C 21 -7.36 28.35 -11.63
CA GLN C 21 -7.94 27.01 -11.68
C GLN C 21 -7.10 25.99 -10.94
N GLY C 22 -5.90 25.75 -11.44
CA GLY C 22 -5.09 24.68 -10.90
C GLY C 22 -5.79 23.36 -11.16
N CYS C 23 -6.04 22.61 -10.10
CA CYS C 23 -6.69 21.30 -10.21
C CYS C 23 -8.20 21.31 -10.00
N THR C 24 -8.82 22.45 -9.73
CA THR C 24 -10.28 22.50 -9.76
C THR C 24 -10.71 22.27 -11.20
N ASP C 25 -11.66 21.35 -11.41
CA ASP C 25 -11.92 20.79 -12.73
C ASP C 25 -13.09 21.48 -13.40
N ILE C 26 -12.82 22.59 -14.08
CA ILE C 26 -13.89 23.38 -14.70
C ILE C 26 -14.00 22.99 -16.16
N GLU C 27 -15.21 22.83 -16.66
CA GLU C 27 -15.40 22.40 -18.06
C GLU C 27 -15.15 23.55 -19.02
N LEU C 28 -15.01 23.24 -20.31
CA LEU C 28 -14.80 24.28 -21.32
C LEU C 28 -16.08 25.12 -21.47
N THR C 29 -15.93 26.29 -22.05
CA THR C 29 -17.04 27.06 -22.62
C THR C 29 -17.21 26.67 -24.11
N PRO C 30 -18.36 27.02 -24.72
CA PRO C 30 -18.57 26.63 -26.13
C PRO C 30 -17.53 27.27 -27.05
N ASN C 31 -17.26 28.58 -26.85
CA ASN C 31 -16.11 29.24 -27.50
C ASN C 31 -14.83 28.38 -27.39
N GLY C 32 -14.56 27.87 -26.20
CA GLY C 32 -13.41 26.98 -25.97
C GLY C 32 -13.50 25.63 -26.65
N ILE C 33 -14.70 25.08 -26.77
CA ILE C 33 -14.87 23.90 -27.64
C ILE C 33 -14.50 24.25 -29.08
N GLN C 34 -14.86 25.47 -29.49
CA GLN C 34 -14.62 25.89 -30.86
C GLN C 34 -13.14 25.99 -31.07
N GLN C 35 -12.47 26.62 -30.11
CA GLN C 35 -11.00 26.67 -30.10
C GLN C 35 -10.38 25.27 -30.21
N ALA C 36 -10.92 24.34 -29.46
CA ALA C 36 -10.45 22.99 -29.58
C ALA C 36 -10.56 22.53 -31.04
N ASN C 37 -11.72 22.72 -31.63
CA ASN C 37 -11.90 22.29 -33.02
C ASN C 37 -10.91 22.96 -33.97
N GLU C 38 -10.68 24.25 -33.77
CA GLU C 38 -9.83 25.00 -34.69
C GLU C 38 -8.39 24.47 -34.57
N VAL C 39 -7.92 24.22 -33.35
CA VAL C 39 -6.53 23.77 -33.17
C VAL C 39 -6.38 22.35 -33.73
N ALA C 40 -7.40 21.54 -33.55
CA ALA C 40 -7.39 20.21 -34.13
C ALA C 40 -7.31 20.36 -35.63
N GLN C 41 -8.07 21.31 -36.18
CA GLN C 41 -8.00 21.65 -37.62
C GLN C 41 -6.56 21.90 -38.07
N GLN C 42 -5.82 22.76 -37.34
CA GLN C 42 -4.41 23.14 -37.69
C GLN C 42 -3.48 21.97 -37.66
N ILE C 43 -3.61 21.11 -36.65
CA ILE C 43 -2.72 19.94 -36.54
C ILE C 43 -2.99 18.92 -37.63
N LYS C 44 -4.25 18.70 -37.98
CA LYS C 44 -4.57 17.85 -39.13
C LYS C 44 -3.99 16.48 -38.90
N GLY C 45 -4.25 15.92 -37.73
CA GLY C 45 -3.74 14.61 -37.33
C GLY C 45 -2.21 14.44 -37.50
N ASN C 46 -1.50 15.55 -37.71
CA ASN C 46 -0.10 15.54 -38.09
C ASN C 46 0.86 15.48 -36.85
N PHE C 47 0.88 14.32 -36.25
CA PHE C 47 1.68 14.06 -35.08
C PHE C 47 1.71 12.58 -34.93
N ASP C 48 2.59 12.07 -34.10
CA ASP C 48 2.78 10.60 -33.97
C ASP C 48 2.14 9.99 -32.72
N ILE C 49 2.18 10.73 -31.63
CA ILE C 49 1.55 10.32 -30.42
C ILE C 49 1.05 11.58 -29.71
N ILE C 50 -0.05 11.46 -28.99
CA ILE C 50 -0.61 12.57 -28.21
C ILE C 50 -0.73 12.19 -26.74
N TYR C 51 -0.17 13.01 -25.86
CA TYR C 51 -0.42 12.86 -24.41
C TYR C 51 -1.25 14.03 -23.91
N SER C 52 -1.99 13.82 -22.82
CA SER C 52 -2.84 14.84 -22.24
C SER C 52 -2.85 14.80 -20.73
N SER C 53 -3.32 15.88 -20.11
CA SER C 53 -3.59 15.84 -18.70
C SER C 53 -5.02 15.39 -18.47
N PRO C 54 -5.31 14.83 -17.29
CA PRO C 54 -6.59 14.18 -17.04
C PRO C 54 -7.74 15.13 -16.80
N LEU C 55 -7.43 16.38 -16.45
CA LEU C 55 -8.49 17.37 -16.27
C LEU C 55 -9.31 17.47 -17.58
N HIS C 56 -10.60 17.70 -17.42
CA HIS C 56 -11.52 17.56 -18.55
C HIS C 56 -11.20 18.60 -19.60
N ARG C 57 -10.96 19.83 -19.17
CA ARG C 57 -10.70 20.87 -20.12
C ARG C 57 -9.55 20.52 -21.05
N ALA C 58 -8.59 19.76 -20.57
CA ALA C 58 -7.48 19.29 -21.41
C ALA C 58 -7.83 18.06 -22.18
N LEU C 59 -8.61 17.17 -21.60
CA LEU C 59 -8.99 15.93 -22.31
C LEU C 59 -10.00 16.16 -23.44
N ILE C 60 -10.88 17.12 -23.29
CA ILE C 60 -11.78 17.43 -24.37
C ILE C 60 -10.95 17.95 -25.51
N THR C 61 -9.99 18.85 -25.21
CA THR C 61 -9.14 19.37 -26.27
C THR C 61 -8.39 18.26 -26.94
N ALA C 62 -7.78 17.39 -26.15
CA ALA C 62 -6.92 16.31 -26.69
C ALA C 62 -7.76 15.36 -27.50
N GLN C 63 -8.91 14.98 -26.97
CA GLN C 63 -9.83 14.12 -27.75
C GLN C 63 -10.25 14.73 -29.12
N LYS C 64 -10.47 16.04 -29.17
CA LYS C 64 -10.69 16.75 -30.44
C LYS C 64 -9.46 16.60 -31.34
N ILE C 65 -8.27 16.77 -30.78
CA ILE C 65 -7.04 16.77 -31.57
C ILE C 65 -6.73 15.38 -32.05
N ALA C 66 -6.95 14.39 -31.17
CA ALA C 66 -6.58 13.00 -31.38
C ALA C 66 -7.36 12.31 -32.52
N GLY C 67 -8.59 12.72 -32.77
CA GLY C 67 -9.45 12.01 -33.72
C GLY C 67 -9.59 10.51 -33.43
N ASP C 68 -9.09 9.70 -34.36
CA ASP C 68 -9.09 8.24 -34.19
C ASP C 68 -7.82 7.70 -33.46
N LYS C 69 -6.84 8.54 -33.15
CA LYS C 69 -5.60 8.10 -32.52
C LYS C 69 -5.78 7.98 -30.99
N GLU C 70 -4.83 7.29 -30.38
CA GLU C 70 -4.82 7.06 -28.93
C GLU C 70 -4.31 8.28 -28.13
N VAL C 71 -5.09 8.71 -27.15
CA VAL C 71 -4.68 9.76 -26.20
C VAL C 71 -4.08 9.16 -24.95
N HIS C 72 -2.85 9.54 -24.64
CA HIS C 72 -2.11 8.94 -23.52
C HIS C 72 -2.24 9.84 -22.30
N LEU C 73 -3.07 9.37 -21.36
CA LEU C 73 -3.36 10.10 -20.17
C LEU C 73 -2.25 9.95 -19.12
N ILE C 74 -1.46 11.03 -18.98
CA ILE C 74 -0.34 11.18 -18.03
C ILE C 74 -0.79 12.01 -16.86
N GLU C 75 -0.72 11.44 -15.67
CA GLU C 75 -1.12 12.21 -14.46
C GLU C 75 -0.01 13.22 -14.06
N GLY C 76 1.24 12.91 -14.46
CA GLY C 76 2.36 13.86 -14.39
C GLY C 76 2.14 15.17 -15.16
N MET C 77 1.04 15.22 -15.91
CA MET C 77 0.72 16.34 -16.73
C MET C 77 -0.45 17.10 -16.18
N LYS C 78 -0.93 16.74 -14.99
CA LYS C 78 -2.02 17.48 -14.36
C LYS C 78 -1.48 18.88 -14.03
N GLU C 79 -2.35 19.88 -14.04
CA GLU C 79 -1.95 21.26 -13.77
C GLU C 79 -1.38 21.49 -12.37
N ILE C 80 -0.37 22.37 -12.28
CA ILE C 80 0.26 22.66 -11.05
C ILE C 80 -0.82 22.96 -9.99
N PRO C 81 -0.70 22.33 -8.82
CA PRO C 81 -1.60 22.66 -7.75
C PRO C 81 -1.39 24.07 -7.33
N PHE C 82 -2.46 24.80 -7.07
CA PHE C 82 -2.35 26.16 -6.59
C PHE C 82 -2.79 26.37 -5.15
N GLY C 83 -3.25 25.30 -4.53
CA GLY C 83 -3.54 25.32 -3.16
C GLY C 83 -4.58 26.36 -2.77
N THR C 84 -4.18 27.20 -1.83
CA THR C 84 -4.95 28.26 -1.22
C THR C 84 -5.31 29.38 -2.15
N TRP C 85 -4.69 29.40 -3.31
CA TRP C 85 -4.97 30.40 -4.33
C TRP C 85 -6.10 29.96 -5.23
N GLU C 86 -6.42 28.65 -5.26
CA GLU C 86 -7.47 28.13 -6.17
C GLU C 86 -8.84 28.73 -5.92
N GLY C 87 -9.45 29.19 -6.99
CA GLY C 87 -10.71 29.89 -6.95
C GLY C 87 -10.64 31.40 -6.93
N HIS C 88 -9.43 31.95 -6.70
CA HIS C 88 -9.20 33.39 -6.47
C HIS C 88 -8.69 34.05 -7.71
N THR C 89 -8.95 35.33 -7.82
CA THR C 89 -8.30 36.15 -8.85
C THR C 89 -6.95 36.60 -8.30
N PHE C 90 -6.12 37.11 -9.21
CA PHE C 90 -4.78 37.54 -8.82
C PHE C 90 -4.78 38.85 -8.02
N GLU C 91 -5.80 39.70 -8.24
CA GLU C 91 -5.96 40.92 -7.43
C GLU C 91 -6.26 40.56 -5.96
N GLU C 92 -7.07 39.51 -5.75
CA GLU C 92 -7.46 39.07 -4.40
C GLU C 92 -6.29 38.69 -3.51
N LEU C 93 -5.21 38.23 -4.13
CA LEU C 93 -4.02 37.87 -3.40
C LEU C 93 -3.10 39.07 -3.14
N ASN C 94 -3.59 40.28 -3.31
CA ASN C 94 -2.73 41.43 -3.11
C ASN C 94 -2.10 41.38 -1.73
N GLY C 95 -2.82 40.81 -0.78
CA GLY C 95 -2.33 40.73 0.58
C GLY C 95 -1.29 39.71 0.99
N ASP C 96 -1.36 38.51 0.51
CA ASP C 96 -0.43 37.37 0.70
C ASP C 96 1.06 37.56 0.50
N ILE C 97 1.83 36.83 1.29
CA ILE C 97 3.28 36.86 1.23
C ILE C 97 3.80 36.03 0.08
N ASN C 98 3.34 34.80 0.00
CA ASN C 98 3.75 33.89 -1.05
C ASN C 98 3.51 34.49 -2.44
N TYR C 99 2.53 35.37 -2.55
CA TYR C 99 2.28 36.00 -3.84
C TYR C 99 3.36 37.02 -4.08
N LYS C 100 3.79 37.70 -3.03
CA LYS C 100 4.88 38.68 -3.12
C LYS C 100 6.15 38.03 -3.59
N LYS C 101 6.52 36.92 -2.95
CA LYS C 101 7.66 36.12 -3.43
C LYS C 101 7.43 35.56 -4.83
N PHE C 102 6.19 35.20 -5.16
CA PHE C 102 5.85 34.70 -6.50
C PHE C 102 6.19 35.67 -7.59
N LEU C 103 6.01 36.96 -7.32
CA LEU C 103 6.41 38.04 -8.25
C LEU C 103 7.87 38.45 -8.11
N SER C 104 8.27 38.77 -6.87
CA SER C 104 9.63 39.23 -6.60
C SER C 104 10.72 38.21 -7.02
N GLY C 105 10.46 36.93 -6.82
CA GLY C 105 11.38 35.90 -7.24
C GLY C 105 12.10 35.30 -6.09
N GLU C 106 11.70 35.63 -4.88
CA GLU C 106 12.30 34.97 -3.72
C GLU C 106 11.78 33.54 -3.64
N ASP C 107 12.55 32.70 -2.96
CA ASP C 107 12.19 31.30 -2.74
C ASP C 107 11.85 30.55 -4.03
N GLY C 108 12.43 30.96 -5.15
CA GLY C 108 12.08 30.36 -6.44
C GLY C 108 10.65 30.52 -6.94
N CYS C 109 9.97 31.57 -6.48
CA CYS C 109 8.60 31.91 -6.83
C CYS C 109 7.56 30.91 -6.30
N PRO C 110 7.35 30.85 -4.97
CA PRO C 110 6.41 29.82 -4.44
C PRO C 110 4.98 29.90 -4.96
N PHE C 111 4.40 28.75 -5.20
CA PHE C 111 3.03 28.63 -5.60
C PHE C 111 2.20 28.40 -4.34
N ASP C 112 1.54 29.41 -3.82
CA ASP C 112 0.76 29.28 -2.59
C ASP C 112 1.56 28.64 -1.47
N SER C 113 0.98 27.72 -0.72
CA SER C 113 1.70 27.03 0.35
C SER C 113 1.87 25.58 -0.09
N THR C 114 2.02 25.39 -1.40
CA THR C 114 2.03 24.13 -2.02
C THR C 114 3.29 23.42 -1.71
N GLY C 115 4.25 24.16 -1.20
CA GLY C 115 5.60 23.59 -1.02
C GLY C 115 6.37 23.45 -2.32
N MET C 116 5.82 24.06 -3.39
CA MET C 116 6.41 24.00 -4.69
C MET C 116 6.44 25.34 -5.36
N SER C 117 7.40 25.55 -6.25
CA SER C 117 7.54 26.84 -6.90
C SER C 117 7.81 26.66 -8.37
N ILE C 118 7.81 27.79 -9.05
CA ILE C 118 8.20 27.88 -10.46
C ILE C 118 9.52 27.16 -10.69
N ALA C 119 10.43 27.33 -9.76
CA ALA C 119 11.73 26.70 -9.83
C ALA C 119 11.61 25.22 -9.89
N SER C 120 11.02 24.62 -8.84
CA SER C 120 10.89 23.15 -8.80
C SER C 120 10.07 22.64 -10.04
N TRP C 121 9.04 23.35 -10.39
CA TRP C 121 8.23 22.86 -11.50
C TRP C 121 8.99 22.88 -12.79
N SER C 122 9.79 23.94 -12.98
CA SER C 122 10.69 24.01 -14.10
C SER C 122 11.63 22.78 -14.19
N LYS C 123 12.27 22.41 -13.09
CA LYS C 123 13.17 21.25 -13.05
C LYS C 123 12.40 19.99 -13.36
N LYS C 124 11.34 19.77 -12.58
CA LYS C 124 10.47 18.57 -12.71
C LYS C 124 9.84 18.36 -14.10
N ASN C 125 9.14 19.40 -14.60
CA ASN C 125 8.39 19.29 -15.88
C ASN C 125 9.28 19.12 -17.06
N ALA C 126 10.41 19.80 -17.00
CA ALA C 126 11.41 19.64 -18.04
C ALA C 126 12.01 18.23 -18.05
N GLN C 127 12.29 17.69 -16.87
CA GLN C 127 12.84 16.34 -16.80
C GLN C 127 11.88 15.32 -17.45
N LEU C 128 10.62 15.39 -17.04
CA LEU C 128 9.53 14.65 -17.66
C LEU C 128 9.52 14.83 -19.17
N LEU C 129 9.53 16.07 -19.62
CA LEU C 129 9.40 16.32 -21.06
C LEU C 129 10.56 15.78 -21.85
N LEU C 130 11.76 15.82 -21.29
CA LEU C 130 12.90 15.28 -22.02
C LEU C 130 12.88 13.78 -22.07
N ASP C 131 12.32 13.11 -21.06
CA ASP C 131 12.15 11.65 -21.08
C ASP C 131 11.21 11.20 -22.19
N LEU C 132 9.96 11.70 -22.18
CA LEU C 132 9.00 11.46 -23.22
C LEU C 132 9.60 11.59 -24.63
N CYS C 133 10.44 12.62 -24.80
CA CYS C 133 11.14 12.82 -26.07
C CYS C 133 12.14 11.67 -26.34
N LYS C 134 13.01 11.40 -25.37
CA LYS C 134 13.92 10.24 -25.47
C LYS C 134 13.11 8.95 -25.77
N GLN C 135 11.98 8.80 -25.12
CA GLN C 135 11.09 7.67 -25.30
C GLN C 135 10.35 7.67 -26.62
N ASN C 136 10.23 8.82 -27.28
CA ASN C 136 9.61 8.87 -28.62
C ASN C 136 10.54 9.60 -29.57
N GLU C 137 11.79 9.12 -29.65
CA GLU C 137 12.83 9.81 -30.44
C GLU C 137 12.56 9.87 -31.94
N ASN C 138 12.85 11.02 -32.54
CA ASN C 138 12.52 11.26 -33.94
C ASN C 138 11.02 11.02 -34.20
N LYS C 139 10.19 11.52 -33.30
CA LYS C 139 8.75 11.51 -33.45
C LYS C 139 8.26 12.89 -33.02
N THR C 140 7.06 13.25 -33.45
CA THR C 140 6.43 14.54 -33.17
C THR C 140 5.37 14.30 -32.11
N ILE C 141 5.61 14.89 -30.94
CA ILE C 141 4.86 14.60 -29.71
C ILE C 141 3.95 15.76 -29.42
N VAL C 142 2.69 15.46 -29.14
CA VAL C 142 1.73 16.46 -28.70
C VAL C 142 1.33 16.24 -27.23
N CYS C 143 1.39 17.32 -26.45
CA CYS C 143 1.00 17.36 -25.03
C CYS C 143 -0.04 18.46 -24.82
N VAL C 144 -1.22 18.10 -24.34
CA VAL C 144 -2.27 19.04 -24.06
C VAL C 144 -2.21 19.22 -22.56
N SER C 145 -2.22 20.44 -22.10
CA SER C 145 -2.10 20.72 -20.69
C SER C 145 -2.45 22.19 -20.48
N HIS C 146 -2.05 22.64 -19.31
CA HIS C 146 -2.35 23.92 -18.73
C HIS C 146 -1.35 25.03 -18.82
N GLY C 147 -1.72 26.22 -18.41
CA GLY C 147 -0.89 27.37 -18.58
C GLY C 147 0.27 27.45 -17.62
N ALA C 148 0.05 27.12 -16.36
CA ALA C 148 1.18 27.07 -15.42
C ALA C 148 2.17 25.98 -15.78
N TRP C 149 1.63 24.84 -16.15
CA TRP C 149 2.44 23.68 -16.44
C TRP C 149 3.31 23.95 -17.68
N ILE C 150 2.68 24.50 -18.72
CA ILE C 150 3.36 24.75 -19.97
C ILE C 150 4.40 25.88 -19.83
N LYS C 151 4.03 26.96 -19.16
CA LYS C 151 5.00 28.00 -18.90
C LYS C 151 6.23 27.53 -18.12
N THR C 152 6.01 26.74 -17.08
CA THR C 152 7.13 26.21 -16.29
C THR C 152 8.00 25.26 -17.17
N SER C 153 7.37 24.51 -18.05
CA SER C 153 8.08 23.64 -18.98
C SER C 153 9.01 24.41 -19.98
N ILE C 154 8.53 25.55 -20.47
CA ILE C 154 9.35 26.41 -21.31
C ILE C 154 10.60 26.83 -20.55
N LEU C 155 10.42 27.35 -19.33
CA LEU C 155 11.57 27.70 -18.50
C LEU C 155 12.51 26.54 -18.24
N GLY C 156 11.99 25.34 -18.04
CA GLY C 156 12.83 24.21 -17.72
C GLY C 156 13.63 23.76 -18.91
N LEU C 157 12.94 23.56 -20.02
CA LEU C 157 13.56 23.25 -21.28
C LEU C 157 14.58 24.29 -21.72
N LEU C 158 14.20 25.57 -21.70
CA LEU C 158 15.10 26.66 -22.09
C LEU C 158 15.99 27.19 -20.98
N GLU C 159 16.00 26.49 -19.85
CA GLU C 159 16.93 26.80 -18.75
C GLU C 159 16.83 28.25 -18.37
N MET C 160 15.60 28.69 -18.14
CA MET C 160 15.34 30.04 -17.70
C MET C 160 15.04 30.17 -16.19
N GLU C 161 15.23 31.41 -15.77
CA GLU C 161 15.06 31.92 -14.44
C GLU C 161 13.53 32.02 -14.17
N PRO C 162 13.09 31.74 -12.92
CA PRO C 162 11.67 31.79 -12.53
C PRO C 162 10.88 33.07 -12.83
N THR C 163 11.50 34.23 -12.65
CA THR C 163 10.78 35.49 -12.89
C THR C 163 10.31 35.64 -14.31
N MET C 164 10.90 34.86 -15.21
CA MET C 164 10.54 34.86 -16.65
C MET C 164 9.15 34.30 -16.94
N TYR C 165 8.56 33.58 -16.00
CA TYR C 165 7.19 33.15 -16.09
C TYR C 165 6.24 34.33 -16.37
N HIS C 166 6.52 35.47 -15.76
CA HIS C 166 5.68 36.65 -15.92
C HIS C 166 5.86 37.37 -17.25
N LYS C 167 6.82 36.88 -18.04
CA LYS C 167 7.12 37.47 -19.34
C LYS C 167 6.45 36.78 -20.50
N PHE C 168 5.74 35.69 -20.24
CA PHE C 168 5.06 34.92 -21.29
C PHE C 168 3.56 34.92 -21.01
N GLN C 169 2.78 35.19 -22.05
CA GLN C 169 1.34 35.13 -21.94
C GLN C 169 0.82 34.09 -22.95
N LEU C 170 0.12 33.11 -22.40
CA LEU C 170 -0.28 31.92 -23.10
C LEU C 170 -1.77 31.95 -23.14
N GLY C 171 -2.30 32.08 -24.34
CA GLY C 171 -3.75 32.09 -24.53
C GLY C 171 -4.30 30.69 -24.74
N ASN C 172 -5.57 30.62 -25.06
CA ASN C 172 -6.16 29.31 -25.22
C ASN C 172 -5.83 28.72 -26.57
N THR C 173 -5.47 27.43 -26.56
CA THR C 173 -5.03 26.66 -27.73
C THR C 173 -3.72 27.13 -28.30
N GLY C 174 -2.96 27.85 -27.46
CA GLY C 174 -1.70 28.42 -27.89
C GLY C 174 -0.74 27.28 -28.04
N ILE C 175 -0.11 27.20 -29.20
CA ILE C 175 0.85 26.14 -29.50
C ILE C 175 2.28 26.61 -29.34
N THR C 176 3.09 25.75 -28.75
CA THR C 176 4.44 26.02 -28.43
C THR C 176 5.17 24.80 -28.91
N THR C 177 6.26 25.00 -29.67
CA THR C 177 6.99 23.91 -30.29
C THR C 177 8.44 23.98 -29.91
N PHE C 178 9.02 22.82 -29.74
CA PHE C 178 10.44 22.70 -29.56
C PHE C 178 11.05 21.63 -30.43
N ILE C 179 12.22 21.93 -30.98
CA ILE C 179 13.07 20.93 -31.63
C ILE C 179 14.35 20.93 -30.80
N PHE C 180 15.25 20.03 -31.16
CA PHE C 180 16.55 19.88 -30.52
C PHE C 180 17.66 20.24 -31.50
N ARG C 181 18.37 21.34 -31.25
CA ARG C 181 19.42 21.76 -32.20
C ARG C 181 20.66 20.88 -32.21
N HIS C 182 21.16 20.60 -31.01
CA HIS C 182 22.32 19.76 -30.78
C HIS C 182 22.25 19.46 -29.31
N GLY C 183 21.61 18.37 -28.94
CA GLY C 183 21.47 18.08 -27.50
C GLY C 183 20.51 18.98 -26.71
N HIS C 184 20.52 20.31 -26.97
CA HIS C 184 19.71 21.26 -26.23
C HIS C 184 18.35 21.53 -26.95
N PRO C 185 17.26 21.68 -26.18
CA PRO C 185 16.00 22.02 -26.79
C PRO C 185 15.98 23.49 -27.14
N VAL C 186 15.37 23.78 -28.28
CA VAL C 186 15.31 25.13 -28.83
C VAL C 186 13.87 25.42 -29.18
N LEU C 187 13.44 26.63 -28.88
CA LEU C 187 12.05 27.02 -29.04
C LEU C 187 11.88 27.51 -30.43
N THR C 188 10.98 26.88 -31.20
CA THR C 188 10.66 27.37 -32.55
C THR C 188 9.30 28.03 -32.71
N SER C 189 8.47 28.00 -31.67
CA SER C 189 7.17 28.63 -31.72
C SER C 189 6.64 28.81 -30.33
N PHE C 190 6.03 29.95 -30.07
CA PHE C 190 5.30 30.17 -28.83
C PHE C 190 3.92 30.73 -29.14
N ASN C 191 2.92 30.13 -28.49
CA ASN C 191 1.57 30.65 -28.45
C ASN C 191 0.99 30.92 -29.83
N SER C 192 1.50 30.23 -30.86
CA SER C 192 1.03 30.46 -32.19
C SER C 192 -0.45 30.27 -32.13
N THR C 193 -1.22 31.33 -32.44
CA THR C 193 -2.71 31.28 -32.41
C THR C 193 -3.35 31.72 -33.72
N GLN C 194 -2.66 31.52 -34.84
CA GLN C 194 -3.17 31.92 -36.17
C GLN C 194 -4.45 31.13 -36.59
N HIS C 195 -4.90 30.20 -35.73
CA HIS C 195 -6.20 29.49 -35.84
C HIS C 195 -7.47 30.25 -35.34
N LEU C 196 -8.38 30.53 -36.29
CA LEU C 196 -9.73 31.04 -36.00
C LEU C 196 -10.60 30.85 -37.29
N MET D 1 -32.24 -13.33 -0.70
CA MET D 1 -33.71 -13.17 -0.48
C MET D 1 -34.43 -12.99 -1.83
N THR D 2 -34.37 -13.97 -2.75
CA THR D 2 -33.69 -15.27 -2.63
C THR D 2 -32.38 -15.33 -3.42
N LYS D 3 -31.43 -16.15 -2.95
CA LYS D 3 -30.13 -16.38 -3.64
C LYS D 3 -29.81 -17.86 -3.74
N LEU D 4 -29.14 -18.22 -4.82
CA LEU D 4 -28.65 -19.59 -5.04
C LEU D 4 -27.16 -19.52 -5.18
N ILE D 5 -26.44 -20.34 -4.44
CA ILE D 5 -25.00 -20.38 -4.48
C ILE D 5 -24.62 -21.77 -4.79
N LEU D 6 -23.82 -21.95 -5.83
CA LEU D 6 -23.30 -23.25 -6.22
C LEU D 6 -21.83 -23.18 -6.06
N ILE D 7 -21.28 -24.11 -5.29
CA ILE D 7 -19.86 -24.15 -5.02
C ILE D 7 -19.28 -25.48 -5.42
N ARG D 8 -18.12 -25.45 -6.02
CA ARG D 8 -17.39 -26.63 -6.37
C ARG D 8 -16.46 -27.03 -5.25
N HIS D 9 -16.22 -28.32 -5.16
CA HIS D 9 -15.37 -28.86 -4.09
C HIS D 9 -13.90 -28.58 -4.27
N GLY D 10 -13.17 -28.74 -3.19
CA GLY D 10 -11.76 -28.54 -3.23
C GLY D 10 -11.03 -29.48 -4.17
N GLU D 11 -9.73 -29.23 -4.29
CA GLU D 11 -8.82 -30.02 -5.13
C GLU D 11 -8.76 -31.45 -4.72
N THR D 12 -8.50 -32.31 -5.69
CA THR D 12 -8.27 -33.73 -5.44
C THR D 12 -7.14 -34.21 -6.32
N GLU D 13 -6.59 -35.38 -6.02
CA GLU D 13 -5.41 -35.89 -6.74
C GLU D 13 -5.73 -36.12 -8.22
N TRP D 14 -6.96 -36.56 -8.48
CA TRP D 14 -7.40 -36.77 -9.86
C TRP D 14 -7.52 -35.44 -10.59
N ASN D 15 -7.98 -34.41 -9.90
CA ASN D 15 -8.00 -33.07 -10.46
C ASN D 15 -6.58 -32.72 -10.79
N LEU D 16 -5.66 -32.99 -9.85
CA LEU D 16 -4.24 -32.68 -10.01
C LEU D 16 -3.78 -33.27 -11.32
N LEU D 17 -3.86 -34.58 -11.44
CA LEU D 17 -3.73 -35.25 -12.73
C LEU D 17 -4.93 -34.85 -13.60
N GLY D 18 -5.02 -35.32 -14.82
CA GLY D 18 -6.19 -34.88 -15.61
C GLY D 18 -7.39 -35.80 -15.62
N LYS D 19 -7.54 -36.62 -14.59
CA LYS D 19 -8.54 -37.71 -14.63
C LYS D 19 -9.95 -37.19 -14.46
N ILE D 20 -10.82 -37.68 -15.36
CA ILE D 20 -12.23 -37.44 -15.29
C ILE D 20 -12.86 -38.12 -14.06
N GLN D 21 -13.28 -37.30 -13.12
CA GLN D 21 -13.69 -37.75 -11.84
C GLN D 21 -15.19 -37.61 -11.63
N GLY D 22 -15.92 -38.72 -11.63
CA GLY D 22 -17.40 -38.73 -11.47
C GLY D 22 -17.90 -39.51 -10.27
N CYS D 23 -17.95 -40.83 -10.42
CA CYS D 23 -18.50 -41.75 -9.39
C CYS D 23 -17.47 -42.17 -8.32
N THR D 24 -16.20 -42.26 -8.71
CA THR D 24 -15.16 -42.68 -7.79
C THR D 24 -15.05 -41.64 -6.66
N ASP D 25 -14.98 -42.13 -5.41
CA ASP D 25 -15.09 -41.32 -4.22
C ASP D 25 -13.70 -40.85 -3.75
N ILE D 26 -13.01 -40.10 -4.60
CA ILE D 26 -11.66 -39.64 -4.30
C ILE D 26 -11.71 -38.54 -3.26
N GLU D 27 -10.68 -38.51 -2.43
CA GLU D 27 -10.65 -37.59 -1.29
C GLU D 27 -9.85 -36.34 -1.63
N LEU D 28 -10.09 -35.31 -0.82
CA LEU D 28 -9.41 -34.07 -0.97
C LEU D 28 -7.90 -34.21 -0.67
N THR D 29 -7.06 -33.55 -1.47
CA THR D 29 -5.67 -33.28 -1.09
C THR D 29 -5.72 -32.37 0.11
N PRO D 30 -4.60 -32.22 0.85
CA PRO D 30 -4.60 -31.22 1.95
C PRO D 30 -4.88 -29.77 1.43
N ASN D 31 -4.30 -29.43 0.27
CA ASN D 31 -4.62 -28.20 -0.46
C ASN D 31 -6.12 -28.05 -0.68
N GLY D 32 -6.74 -29.11 -1.17
CA GLY D 32 -8.18 -29.14 -1.31
C GLY D 32 -8.88 -28.83 0.00
N ILE D 33 -8.37 -29.41 1.10
CA ILE D 33 -8.92 -29.13 2.45
C ILE D 33 -8.69 -27.68 2.82
N GLN D 34 -7.46 -27.22 2.56
CA GLN D 34 -7.13 -25.82 2.73
C GLN D 34 -8.07 -24.93 1.94
N GLN D 35 -8.28 -25.28 0.68
CA GLN D 35 -9.25 -24.56 -0.16
C GLN D 35 -10.64 -24.48 0.46
N ALA D 36 -11.11 -25.60 0.98
CA ALA D 36 -12.42 -25.65 1.67
C ALA D 36 -12.47 -24.76 2.92
N ASN D 37 -11.37 -24.71 3.65
CA ASN D 37 -11.30 -23.80 4.82
C ASN D 37 -11.52 -22.35 4.38
N GLU D 38 -10.76 -21.96 3.37
CA GLU D 38 -10.77 -20.61 2.89
C GLU D 38 -12.12 -20.24 2.34
N VAL D 39 -12.75 -21.14 1.59
CA VAL D 39 -14.08 -20.80 1.07
C VAL D 39 -15.08 -20.61 2.20
N ALA D 40 -14.97 -21.41 3.24
CA ALA D 40 -15.87 -21.28 4.39
C ALA D 40 -15.67 -19.94 5.11
N GLN D 41 -14.41 -19.53 5.29
CA GLN D 41 -14.12 -18.20 5.90
C GLN D 41 -14.80 -17.09 5.09
N GLN D 42 -14.89 -17.22 3.76
CA GLN D 42 -15.62 -16.23 2.91
C GLN D 42 -17.11 -16.24 3.14
N ILE D 43 -17.73 -17.42 3.07
CA ILE D 43 -19.18 -17.53 3.38
C ILE D 43 -19.45 -17.03 4.81
N LYS D 44 -18.57 -17.39 5.76
CA LYS D 44 -18.70 -17.00 7.18
C LYS D 44 -20.07 -17.47 7.69
N GLY D 45 -20.51 -18.64 7.23
CA GLY D 45 -21.84 -19.15 7.56
C GLY D 45 -23.01 -18.24 7.20
N ASN D 46 -22.88 -17.47 6.13
CA ASN D 46 -23.92 -16.56 5.70
C ASN D 46 -24.93 -17.23 4.80
N PHE D 47 -25.69 -18.17 5.35
CA PHE D 47 -26.77 -18.80 4.56
C PHE D 47 -27.85 -19.37 5.46
N ASP D 48 -29.01 -19.62 4.88
CA ASP D 48 -30.10 -20.24 5.62
C ASP D 48 -29.93 -21.78 5.65
N ILE D 49 -29.75 -22.37 4.48
CA ILE D 49 -29.63 -23.80 4.34
C ILE D 49 -28.40 -24.12 3.51
N ILE D 50 -27.88 -25.34 3.66
CA ILE D 50 -26.85 -25.87 2.77
C ILE D 50 -27.23 -27.26 2.23
N TYR D 51 -26.94 -27.49 0.96
CA TYR D 51 -27.05 -28.79 0.36
C TYR D 51 -25.65 -29.23 -0.12
N SER D 52 -25.51 -30.52 -0.43
CA SER D 52 -24.26 -31.07 -0.94
C SER D 52 -24.47 -32.41 -1.60
N SER D 53 -23.53 -32.74 -2.49
CA SER D 53 -23.45 -34.03 -3.15
C SER D 53 -22.96 -34.98 -2.06
N PRO D 54 -23.20 -36.28 -2.21
CA PRO D 54 -22.83 -37.25 -1.21
C PRO D 54 -21.42 -37.75 -1.34
N LEU D 55 -20.78 -37.47 -2.47
CA LEU D 55 -19.37 -37.84 -2.66
C LEU D 55 -18.48 -37.02 -1.73
N HIS D 56 -17.42 -37.65 -1.24
CA HIS D 56 -16.76 -37.14 -0.04
C HIS D 56 -16.17 -35.78 -0.29
N ARG D 57 -15.46 -35.61 -1.40
CA ARG D 57 -14.90 -34.31 -1.74
C ARG D 57 -15.91 -33.17 -1.60
N ALA D 58 -17.16 -33.40 -1.98
CA ALA D 58 -18.19 -32.36 -1.87
C ALA D 58 -18.61 -32.21 -0.42
N LEU D 59 -19.02 -33.32 0.14
CA LEU D 59 -19.43 -33.35 1.55
C LEU D 59 -18.43 -32.70 2.53
N ILE D 60 -17.15 -33.04 2.39
CA ILE D 60 -16.14 -32.50 3.28
C ILE D 60 -16.12 -30.97 3.11
N THR D 61 -16.00 -30.53 1.86
CA THR D 61 -15.98 -29.12 1.56
C THR D 61 -17.23 -28.49 2.15
N ALA D 62 -18.36 -29.17 1.97
CA ALA D 62 -19.67 -28.67 2.42
C ALA D 62 -19.75 -28.52 3.95
N GLN D 63 -19.17 -29.50 4.65
CA GLN D 63 -19.11 -29.52 6.13
C GLN D 63 -18.31 -28.33 6.69
N LYS D 64 -17.13 -28.10 6.14
CA LYS D 64 -16.35 -26.95 6.57
C LYS D 64 -17.17 -25.64 6.43
N ILE D 65 -18.03 -25.57 5.44
CA ILE D 65 -18.85 -24.37 5.20
C ILE D 65 -20.10 -24.34 6.08
N ALA D 66 -20.67 -25.51 6.34
CA ALA D 66 -21.83 -25.64 7.22
C ALA D 66 -21.54 -25.21 8.68
N GLY D 67 -20.31 -25.49 9.15
CA GLY D 67 -19.96 -25.27 10.54
C GLY D 67 -20.81 -26.17 11.43
N ASP D 68 -21.48 -25.55 12.41
CA ASP D 68 -22.53 -26.18 13.23
C ASP D 68 -23.84 -26.01 12.44
N LYS D 69 -24.02 -26.89 11.47
CA LYS D 69 -25.24 -26.95 10.68
C LYS D 69 -25.25 -28.25 9.90
N GLU D 70 -26.46 -28.75 9.65
CA GLU D 70 -26.63 -30.05 9.02
C GLU D 70 -26.53 -29.87 7.50
N VAL D 71 -25.60 -30.62 6.92
CA VAL D 71 -25.46 -30.71 5.49
C VAL D 71 -26.50 -31.65 5.00
N HIS D 72 -27.47 -31.17 4.26
CA HIS D 72 -28.56 -32.01 3.76
C HIS D 72 -28.14 -32.66 2.46
N LEU D 73 -27.85 -33.96 2.44
CA LEU D 73 -27.34 -34.65 1.22
C LEU D 73 -28.47 -34.85 0.24
N ILE D 74 -28.18 -34.59 -1.03
CA ILE D 74 -29.15 -34.74 -2.12
C ILE D 74 -28.47 -35.65 -3.11
N GLU D 75 -29.18 -36.68 -3.56
CA GLU D 75 -28.59 -37.65 -4.48
C GLU D 75 -28.47 -37.06 -5.83
N GLY D 76 -29.47 -36.30 -6.27
CA GLY D 76 -29.43 -35.66 -7.58
C GLY D 76 -28.28 -34.69 -7.79
N MET D 77 -27.57 -34.37 -6.70
CA MET D 77 -26.50 -33.42 -6.71
C MET D 77 -25.17 -34.06 -6.89
N LYS D 78 -25.15 -35.40 -6.91
CA LYS D 78 -23.94 -36.22 -7.13
C LYS D 78 -23.38 -35.92 -8.51
N GLU D 79 -22.06 -35.92 -8.65
CA GLU D 79 -21.47 -35.53 -9.94
C GLU D 79 -22.09 -36.33 -11.05
N ILE D 80 -22.12 -35.70 -12.22
CA ILE D 80 -22.60 -36.32 -13.43
C ILE D 80 -21.77 -37.58 -13.72
N PRO D 81 -22.45 -38.66 -14.15
CA PRO D 81 -21.71 -39.86 -14.57
C PRO D 81 -21.01 -39.70 -15.91
N PHE D 82 -19.74 -40.08 -15.94
CA PHE D 82 -18.94 -40.06 -17.16
C PHE D 82 -18.76 -41.41 -17.80
N GLY D 83 -19.11 -42.50 -17.09
CA GLY D 83 -19.20 -43.83 -17.70
C GLY D 83 -17.84 -44.33 -18.13
N THR D 84 -17.71 -44.65 -19.41
CA THR D 84 -16.48 -45.18 -19.96
C THR D 84 -15.34 -44.24 -19.73
N TRP D 85 -15.64 -42.97 -19.92
CA TRP D 85 -14.71 -41.84 -19.75
C TRP D 85 -14.09 -41.71 -18.37
N GLU D 86 -14.72 -42.29 -17.36
CA GLU D 86 -14.25 -42.10 -16.03
C GLU D 86 -12.79 -42.45 -15.92
N GLY D 87 -12.09 -41.64 -15.12
CA GLY D 87 -10.68 -41.81 -14.78
C GLY D 87 -9.70 -41.67 -15.92
N HIS D 88 -10.10 -41.00 -16.99
CA HIS D 88 -9.27 -40.82 -18.19
C HIS D 88 -8.98 -39.33 -18.38
N THR D 89 -7.94 -39.03 -19.14
CA THR D 89 -7.60 -37.64 -19.41
C THR D 89 -8.33 -37.25 -20.67
N PHE D 90 -8.68 -35.97 -20.78
CA PHE D 90 -9.11 -35.40 -22.08
C PHE D 90 -7.97 -35.52 -23.10
N GLU D 91 -6.73 -35.39 -22.63
CA GLU D 91 -5.54 -35.67 -23.46
C GLU D 91 -5.65 -37.06 -24.10
N GLU D 92 -5.98 -38.06 -23.28
CA GLU D 92 -6.18 -39.45 -23.72
C GLU D 92 -7.43 -39.68 -24.62
N LEU D 93 -8.34 -38.72 -24.67
CA LEU D 93 -9.61 -38.92 -25.35
C LEU D 93 -9.72 -38.28 -26.73
N ASN D 94 -8.65 -37.68 -27.28
CA ASN D 94 -8.70 -37.25 -28.69
C ASN D 94 -9.06 -38.47 -29.53
N GLY D 95 -9.69 -38.25 -30.68
CA GLY D 95 -10.19 -39.36 -31.50
C GLY D 95 -11.13 -40.35 -30.82
N ASP D 96 -12.25 -39.79 -30.39
CA ASP D 96 -13.27 -40.54 -29.71
C ASP D 96 -14.60 -40.28 -30.38
N ILE D 97 -15.48 -41.26 -30.31
CA ILE D 97 -16.79 -41.09 -30.90
C ILE D 97 -17.56 -40.04 -30.16
N ASN D 98 -17.85 -40.30 -28.91
CA ASN D 98 -18.60 -39.36 -28.10
C ASN D 98 -17.89 -38.01 -27.89
N TYR D 99 -16.60 -38.05 -27.60
CA TYR D 99 -15.84 -36.83 -27.37
C TYR D 99 -15.85 -35.89 -28.56
N LYS D 100 -15.86 -36.41 -29.77
CA LYS D 100 -15.97 -35.49 -30.94
C LYS D 100 -17.33 -34.77 -30.93
N LYS D 101 -18.40 -35.52 -30.68
CA LYS D 101 -19.72 -34.90 -30.52
C LYS D 101 -19.78 -34.02 -29.27
N PHE D 102 -19.09 -34.44 -28.20
CA PHE D 102 -19.07 -33.70 -26.94
C PHE D 102 -18.58 -32.29 -27.11
N LEU D 103 -17.48 -32.13 -27.84
CA LEU D 103 -16.98 -30.79 -28.19
C LEU D 103 -17.83 -30.14 -29.26
N SER D 104 -18.23 -30.93 -30.25
CA SER D 104 -18.88 -30.41 -31.45
C SER D 104 -20.21 -29.73 -31.17
N GLY D 105 -20.98 -30.30 -30.25
CA GLY D 105 -22.37 -29.89 -30.07
C GLY D 105 -23.34 -30.77 -30.82
N GLU D 106 -22.83 -31.79 -31.52
CA GLU D 106 -23.69 -32.74 -32.22
C GLU D 106 -24.39 -33.64 -31.21
N ASP D 107 -25.64 -34.00 -31.51
CA ASP D 107 -26.43 -34.91 -30.67
C ASP D 107 -26.49 -34.41 -29.22
N GLY D 108 -26.39 -33.10 -29.03
CA GLY D 108 -26.45 -32.47 -27.70
C GLY D 108 -25.28 -32.63 -26.71
N CYS D 109 -24.07 -32.87 -27.23
CA CYS D 109 -22.84 -33.05 -26.45
C CYS D 109 -22.90 -34.24 -25.47
N PRO D 110 -22.78 -35.47 -26.01
CA PRO D 110 -22.98 -36.66 -25.18
C PRO D 110 -21.87 -36.99 -24.13
N PHE D 111 -22.32 -37.45 -22.97
CA PHE D 111 -21.42 -37.90 -21.94
C PHE D 111 -21.15 -39.40 -22.10
N ASP D 112 -20.15 -39.75 -22.88
CA ASP D 112 -19.76 -41.14 -23.08
C ASP D 112 -20.90 -42.03 -23.53
N SER D 113 -21.06 -43.14 -22.86
CA SER D 113 -22.13 -44.05 -23.20
C SER D 113 -23.20 -44.00 -22.14
N THR D 114 -23.20 -42.90 -21.40
CA THR D 114 -24.16 -42.64 -20.34
C THR D 114 -25.54 -42.57 -20.97
N GLY D 115 -25.61 -41.99 -22.14
CA GLY D 115 -26.85 -41.84 -22.86
C GLY D 115 -27.42 -40.50 -22.52
N MET D 116 -26.86 -39.89 -21.50
CA MET D 116 -27.23 -38.56 -21.07
C MET D 116 -26.21 -37.57 -21.64
N SER D 117 -26.54 -36.29 -21.60
CA SER D 117 -25.72 -35.27 -22.28
C SER D 117 -25.76 -33.94 -21.54
N ILE D 118 -24.87 -33.06 -22.01
CA ILE D 118 -24.91 -31.67 -21.65
C ILE D 118 -26.35 -31.12 -21.78
N ALA D 119 -27.00 -31.41 -22.90
CA ALA D 119 -28.36 -30.95 -23.09
C ALA D 119 -29.31 -31.50 -22.03
N SER D 120 -29.26 -32.80 -21.76
CA SER D 120 -30.27 -33.36 -20.85
C SER D 120 -29.95 -32.98 -19.41
N TRP D 121 -28.69 -33.10 -19.04
CA TRP D 121 -28.30 -32.75 -17.70
C TRP D 121 -28.63 -31.30 -17.35
N SER D 122 -28.50 -30.41 -18.33
CA SER D 122 -28.87 -28.99 -18.18
C SER D 122 -30.38 -28.83 -17.83
N LYS D 123 -31.26 -29.55 -18.54
CA LYS D 123 -32.72 -29.48 -18.24
C LYS D 123 -32.98 -30.03 -16.84
N LYS D 124 -32.41 -31.19 -16.58
CA LYS D 124 -32.62 -31.88 -15.33
C LYS D 124 -32.16 -31.08 -14.11
N ASN D 125 -30.91 -30.62 -14.13
CA ASN D 125 -30.34 -29.93 -12.96
C ASN D 125 -31.04 -28.60 -12.72
N ALA D 126 -31.48 -28.01 -13.83
CA ALA D 126 -32.25 -26.80 -13.76
C ALA D 126 -33.59 -27.09 -13.15
N GLN D 127 -34.24 -28.14 -13.65
CA GLN D 127 -35.52 -28.62 -13.09
C GLN D 127 -35.36 -28.76 -11.60
N LEU D 128 -34.31 -29.47 -11.21
CA LEU D 128 -34.04 -29.70 -9.79
C LEU D 128 -33.86 -28.41 -9.03
N LEU D 129 -32.95 -27.57 -9.54
CA LEU D 129 -32.59 -26.37 -8.80
C LEU D 129 -33.75 -25.40 -8.60
N LEU D 130 -34.65 -25.30 -9.58
CA LEU D 130 -35.79 -24.39 -9.46
C LEU D 130 -36.74 -24.87 -8.38
N ASP D 131 -36.99 -26.17 -8.35
CA ASP D 131 -37.88 -26.77 -7.37
C ASP D 131 -37.28 -26.52 -5.99
N LEU D 132 -35.96 -26.64 -5.90
CA LEU D 132 -35.29 -26.42 -4.65
C LEU D 132 -35.47 -25.00 -4.24
N CYS D 133 -35.43 -24.08 -5.20
CA CYS D 133 -35.64 -22.69 -4.86
C CYS D 133 -37.08 -22.42 -4.40
N LYS D 134 -38.05 -22.87 -5.17
CA LYS D 134 -39.47 -22.80 -4.75
C LYS D 134 -39.62 -23.27 -3.31
N GLN D 135 -38.92 -24.33 -2.96
CA GLN D 135 -39.02 -24.91 -1.62
C GLN D 135 -38.58 -23.93 -0.52
N ASN D 136 -37.57 -23.13 -0.79
CA ASN D 136 -37.02 -22.21 0.22
C ASN D 136 -37.09 -20.80 -0.32
N GLU D 137 -38.24 -20.43 -0.86
CA GLU D 137 -38.46 -19.06 -1.32
C GLU D 137 -38.09 -18.09 -0.18
N ASN D 138 -37.64 -16.94 -0.60
CA ASN D 138 -36.95 -15.99 0.26
C ASN D 138 -35.90 -16.59 1.18
N LYS D 139 -35.08 -17.50 0.67
CA LYS D 139 -33.98 -18.02 1.43
C LYS D 139 -32.65 -17.89 0.66
N THR D 140 -31.53 -17.97 1.37
CA THR D 140 -30.17 -18.07 0.76
C THR D 140 -29.62 -19.52 0.79
N ILE D 141 -29.64 -20.16 -0.39
CA ILE D 141 -29.35 -21.54 -0.51
C ILE D 141 -27.91 -21.75 -1.01
N VAL D 142 -27.23 -22.74 -0.44
CA VAL D 142 -25.91 -23.16 -0.85
C VAL D 142 -25.97 -24.58 -1.36
N CYS D 143 -25.31 -24.84 -2.47
CA CYS D 143 -25.20 -26.20 -3.00
C CYS D 143 -23.74 -26.45 -3.29
N VAL D 144 -23.21 -27.54 -2.76
CA VAL D 144 -21.84 -27.94 -3.03
C VAL D 144 -21.89 -29.13 -3.95
N SER D 145 -21.26 -29.02 -5.10
CA SER D 145 -21.34 -30.04 -6.11
C SER D 145 -20.07 -30.05 -6.94
N HIS D 146 -20.20 -30.54 -8.17
CA HIS D 146 -19.03 -30.76 -9.01
C HIS D 146 -18.98 -29.89 -10.26
N GLY D 147 -17.84 -29.92 -10.93
CA GLY D 147 -17.58 -29.08 -12.08
C GLY D 147 -18.60 -29.28 -13.17
N ALA D 148 -18.68 -30.50 -13.68
CA ALA D 148 -19.58 -30.78 -14.80
C ALA D 148 -21.04 -30.55 -14.39
N TRP D 149 -21.34 -30.74 -13.11
CA TRP D 149 -22.70 -30.67 -12.65
C TRP D 149 -23.16 -29.22 -12.55
N ILE D 150 -22.31 -28.37 -11.97
CA ILE D 150 -22.58 -26.97 -11.81
C ILE D 150 -22.68 -26.30 -13.17
N LYS D 151 -21.78 -26.63 -14.07
CA LYS D 151 -21.79 -26.04 -15.42
C LYS D 151 -23.11 -26.31 -16.17
N THR D 152 -23.59 -27.54 -16.13
CA THR D 152 -24.89 -27.86 -16.69
C THR D 152 -26.02 -27.08 -16.01
N SER D 153 -25.89 -26.83 -14.71
CA SER D 153 -26.91 -26.07 -13.98
C SER D 153 -26.93 -24.63 -14.47
N ILE D 154 -25.74 -24.11 -14.74
CA ILE D 154 -25.62 -22.79 -15.29
C ILE D 154 -26.35 -22.75 -16.62
N LEU D 155 -25.97 -23.61 -17.53
CA LEU D 155 -26.64 -23.59 -18.82
C LEU D 155 -28.13 -23.80 -18.69
N GLY D 156 -28.56 -24.64 -17.78
CA GLY D 156 -29.98 -24.96 -17.62
C GLY D 156 -30.79 -23.85 -16.97
N LEU D 157 -30.26 -23.32 -15.90
CA LEU D 157 -30.83 -22.13 -15.34
C LEU D 157 -30.93 -20.94 -16.35
N LEU D 158 -29.90 -20.71 -17.14
CA LEU D 158 -29.81 -19.51 -18.00
C LEU D 158 -30.16 -19.82 -19.43
N GLU D 159 -30.85 -20.93 -19.64
CA GLU D 159 -31.39 -21.28 -20.96
C GLU D 159 -30.40 -21.06 -22.09
N MET D 160 -29.18 -21.58 -21.93
CA MET D 160 -28.13 -21.47 -22.97
C MET D 160 -27.88 -22.80 -23.64
N GLU D 161 -27.15 -22.69 -24.72
CA GLU D 161 -26.83 -23.77 -25.63
C GLU D 161 -25.77 -24.68 -25.00
N PRO D 162 -25.83 -25.99 -25.30
CA PRO D 162 -24.86 -26.99 -24.78
C PRO D 162 -23.37 -26.71 -24.97
N THR D 163 -22.97 -26.25 -26.15
CA THR D 163 -21.58 -25.92 -26.39
C THR D 163 -21.10 -24.75 -25.50
N MET D 164 -22.01 -23.96 -24.93
CA MET D 164 -21.60 -22.88 -24.03
C MET D 164 -20.85 -23.38 -22.77
N TYR D 165 -20.96 -24.67 -22.47
CA TYR D 165 -20.22 -25.32 -21.40
C TYR D 165 -18.73 -25.16 -21.65
N HIS D 166 -18.31 -25.23 -22.89
CA HIS D 166 -16.88 -25.13 -23.20
C HIS D 166 -16.33 -23.70 -23.04
N LYS D 167 -17.21 -22.75 -22.80
CA LYS D 167 -16.81 -21.37 -22.65
C LYS D 167 -16.77 -20.94 -21.18
N PHE D 168 -17.10 -21.86 -20.28
CA PHE D 168 -17.02 -21.58 -18.86
C PHE D 168 -15.88 -22.40 -18.26
N GLN D 169 -15.04 -21.79 -17.43
CA GLN D 169 -14.01 -22.53 -16.67
C GLN D 169 -14.21 -22.42 -15.18
N LEU D 170 -14.48 -23.57 -14.53
CA LEU D 170 -14.91 -23.61 -13.14
C LEU D 170 -13.90 -24.44 -12.42
N GLY D 171 -13.17 -23.79 -11.52
CA GLY D 171 -12.08 -24.42 -10.76
C GLY D 171 -12.39 -24.54 -9.28
N ASN D 172 -11.49 -25.22 -8.58
CA ASN D 172 -11.73 -25.62 -7.18
C ASN D 172 -12.14 -24.48 -6.29
N THR D 173 -13.31 -24.60 -5.69
CA THR D 173 -13.83 -23.62 -4.79
C THR D 173 -14.56 -22.48 -5.48
N GLY D 174 -14.80 -22.62 -6.77
CA GLY D 174 -15.50 -21.59 -7.50
C GLY D 174 -16.89 -21.35 -6.93
N ILE D 175 -17.27 -20.09 -6.77
CA ILE D 175 -18.61 -19.67 -6.32
C ILE D 175 -19.41 -19.06 -7.46
N THR D 176 -20.62 -19.54 -7.66
CA THR D 176 -21.49 -19.12 -8.78
C THR D 176 -22.86 -18.80 -8.23
N THR D 177 -23.31 -17.56 -8.38
CA THR D 177 -24.54 -17.16 -7.70
C THR D 177 -25.64 -16.70 -8.65
N PHE D 178 -26.86 -16.78 -8.18
CA PHE D 178 -28.03 -16.46 -8.97
C PHE D 178 -29.04 -15.74 -8.06
N ILE D 179 -29.98 -15.06 -8.72
CA ILE D 179 -31.14 -14.48 -8.09
C ILE D 179 -32.22 -14.54 -9.14
N PHE D 180 -33.40 -14.08 -8.76
CA PHE D 180 -34.55 -14.05 -9.66
C PHE D 180 -35.02 -12.61 -9.90
N ARG D 181 -34.87 -12.17 -11.15
CA ARG D 181 -35.42 -10.93 -11.66
C ARG D 181 -36.44 -11.33 -12.76
N HIS D 182 -37.62 -10.71 -12.73
CA HIS D 182 -38.75 -11.08 -13.59
C HIS D 182 -39.03 -12.58 -13.53
N GLY D 183 -38.90 -13.15 -12.31
CA GLY D 183 -39.13 -14.60 -12.07
C GLY D 183 -38.24 -15.62 -12.77
N HIS D 184 -37.15 -15.19 -13.41
CA HIS D 184 -36.25 -16.11 -14.07
C HIS D 184 -34.92 -16.00 -13.39
N PRO D 185 -34.12 -17.07 -13.41
CA PRO D 185 -32.85 -16.96 -12.73
C PRO D 185 -31.96 -16.01 -13.52
N VAL D 186 -31.15 -15.26 -12.80
CA VAL D 186 -30.16 -14.33 -13.37
C VAL D 186 -28.83 -14.51 -12.65
N LEU D 187 -27.78 -14.75 -13.42
CA LEU D 187 -26.42 -14.94 -12.87
C LEU D 187 -25.85 -13.64 -12.33
N THR D 188 -25.50 -13.60 -11.05
CA THR D 188 -24.89 -12.44 -10.43
C THR D 188 -23.40 -12.61 -10.17
N SER D 189 -22.84 -13.82 -10.29
CA SER D 189 -21.37 -14.02 -10.24
C SER D 189 -20.97 -15.45 -10.69
N PHE D 190 -19.70 -15.62 -11.06
CA PHE D 190 -19.23 -16.94 -11.47
C PHE D 190 -17.77 -17.15 -11.04
N ASN D 191 -17.43 -18.37 -10.60
CA ASN D 191 -16.07 -18.76 -10.19
C ASN D 191 -15.33 -17.73 -9.41
N SER D 192 -16.05 -17.12 -8.47
CA SER D 192 -15.54 -16.00 -7.67
C SER D 192 -14.55 -16.50 -6.61
#